data_7DRQ
#
_entry.id   7DRQ
#
_cell.length_a   57.993
_cell.length_b   99.998
_cell.length_c   95.304
_cell.angle_alpha   90.000
_cell.angle_beta   90.940
_cell.angle_gamma   90.000
#
_symmetry.space_group_name_H-M   'P 1 21 1'
#
loop_
_entity.id
_entity.type
_entity.pdbx_description
1 polymer Uly1
2 non-polymer 'CALCIUM ION'
3 water water
#
_entity_poly.entity_id   1
_entity_poly.type   'polypeptide(L)'
_entity_poly.pdbx_seq_one_letter_code
;AIKLEHEIKVTDQALFFDGVKKSVPQARTQAYIEGQKYNYAYGNAIAPHGDAIKVYKNYVF(MSE)TWYRGGILDRHV
(MSE)LTRYNTLTGKSVTIEFPHQHTGFEGRWWVGETHNTIAVAISPKDETIHLLYD(MSE)HAYRENTDTGGNGDIRKD
YFRYSYSLAGAASVTDNNFTLTQFVKDTSVNSEGATDYKHLT(MSE)TGIEDHGQFSRLTYPTFFTSHDGDLFLH(MSE)
RQGSSHDGRVVFNKYLAEQGKWSHFKSFNVLGAGKKGEIKNWSIYGK(MSE)KYADGKIRIGFQRRFNLPDRFRAQDG
(MSE)FYAYSDDPSGETQWKNYKGEAIT(MSE)PLVKADEALV(MSE)RPGDLLPDATAKDQVSITGGFDWTVTENGDLH
LIGQTNEWVNKKVIKKVYSHTYQKAGVGELITTTDFPPASQLYTAGENIYIIGLEQGRPFVEQAKGGTNDFTRVYYAPVG
SQSFQKGIVHIHDGKLYYYLLEKGGAGDKRTTYLQIINLDIDSKSYFKKIKQLEHHHHHH
;
_entity_poly.pdbx_strand_id   A,B
#
# COMPACT_ATOMS: atom_id res chain seq x y z
N ALA A 1 -12.62 -22.69 14.83
CA ALA A 1 -11.33 -23.05 15.38
C ALA A 1 -10.33 -23.40 14.28
N ILE A 2 -9.04 -23.19 14.57
CA ILE A 2 -7.99 -23.72 13.71
C ILE A 2 -8.04 -25.24 13.75
N LYS A 3 -8.01 -25.86 12.57
CA LYS A 3 -8.31 -27.28 12.46
C LYS A 3 -7.29 -27.98 11.56
N LEU A 4 -6.76 -29.10 12.03
CA LEU A 4 -5.96 -29.98 11.17
C LEU A 4 -6.88 -30.64 10.15
N GLU A 5 -6.59 -30.45 8.86
CA GLU A 5 -7.42 -31.00 7.79
C GLU A 5 -6.84 -32.24 7.13
N HIS A 6 -5.52 -32.30 6.95
CA HIS A 6 -4.89 -33.40 6.23
C HIS A 6 -3.52 -33.69 6.83
N GLU A 7 -3.14 -34.97 6.84
CA GLU A 7 -1.82 -35.39 7.27
C GLU A 7 -1.34 -36.46 6.29
N ILE A 8 -0.23 -36.20 5.62
CA ILE A 8 0.20 -36.95 4.44
C ILE A 8 1.66 -37.34 4.63
N LYS A 9 1.96 -38.63 4.50
CA LYS A 9 3.37 -39.03 4.54
C LYS A 9 4.01 -38.68 3.20
N VAL A 10 5.17 -38.05 3.26
CA VAL A 10 5.88 -37.72 2.04
C VAL A 10 6.87 -38.82 1.66
N THR A 11 7.73 -39.21 2.60
CA THR A 11 8.70 -40.25 2.32
C THR A 11 9.20 -40.82 3.64
N ASP A 12 9.70 -42.05 3.56
CA ASP A 12 10.45 -42.67 4.64
C ASP A 12 11.94 -42.66 4.35
N GLN A 13 12.37 -41.96 3.30
CA GLN A 13 13.76 -42.02 2.85
C GLN A 13 14.40 -40.64 2.76
N ALA A 14 13.93 -39.67 3.56
CA ALA A 14 14.53 -38.34 3.55
C ALA A 14 15.92 -38.38 4.16
N LEU A 15 16.86 -37.72 3.50
CA LEU A 15 18.26 -37.74 3.94
C LEU A 15 18.42 -37.01 5.28
N PHE A 16 19.20 -37.62 6.16
CA PHE A 16 19.53 -37.03 7.45
C PHE A 16 20.99 -37.30 7.75
N PHE A 17 21.66 -36.33 8.36
CA PHE A 17 23.08 -36.45 8.68
C PHE A 17 23.19 -37.05 10.09
N ASP A 18 23.35 -38.36 10.15
CA ASP A 18 23.28 -39.09 11.42
C ASP A 18 24.62 -39.19 12.14
N GLY A 19 25.65 -38.50 11.64
CA GLY A 19 26.96 -38.53 12.27
C GLY A 19 27.17 -37.41 13.26
N VAL A 20 28.38 -36.86 13.33
CA VAL A 20 28.70 -35.82 14.30
C VAL A 20 29.10 -34.54 13.59
N LYS A 21 29.14 -33.46 14.36
CA LYS A 21 29.51 -32.16 13.83
C LYS A 21 31.01 -32.10 13.53
N LYS A 22 31.34 -31.53 12.37
CA LYS A 22 32.73 -31.34 11.96
C LYS A 22 33.04 -29.85 11.84
N SER A 23 34.25 -29.47 12.25
CA SER A 23 34.76 -28.14 11.97
C SER A 23 34.90 -27.95 10.46
N VAL A 24 35.05 -26.69 10.04
CA VAL A 24 35.31 -26.39 8.65
C VAL A 24 36.67 -26.95 8.22
N PRO A 25 37.75 -26.78 9.00
CA PRO A 25 39.02 -27.43 8.60
C PRO A 25 38.94 -28.95 8.57
N GLN A 26 38.24 -29.57 9.53
CA GLN A 26 38.00 -31.00 9.47
C GLN A 26 37.26 -31.38 8.19
N ALA A 27 36.14 -30.70 7.92
CA ALA A 27 35.31 -31.02 6.77
C ALA A 27 36.11 -30.88 5.48
N ARG A 28 36.99 -29.89 5.41
CA ARG A 28 37.72 -29.66 4.18
C ARG A 28 38.83 -30.67 3.98
N THR A 29 39.49 -31.09 5.06
CA THR A 29 40.73 -31.84 4.90
C THR A 29 40.57 -33.35 5.05
N GLN A 30 39.55 -33.83 5.74
CA GLN A 30 39.48 -35.25 6.07
C GLN A 30 38.94 -36.06 4.89
N ALA A 31 39.54 -37.22 4.66
CA ALA A 31 39.10 -38.12 3.59
C ALA A 31 37.89 -38.95 4.01
N TYR A 32 37.15 -39.39 3.01
CA TYR A 32 36.05 -40.32 3.22
C TYR A 32 36.51 -41.62 3.87
N ILE A 33 35.66 -42.19 4.73
CA ILE A 33 35.84 -43.52 5.34
C ILE A 33 34.55 -44.29 5.09
N GLU A 34 34.67 -45.43 4.41
CA GLU A 34 33.53 -46.30 4.10
C GLU A 34 32.89 -46.84 5.36
N GLY A 35 31.53 -46.90 5.49
CA GLY A 35 30.89 -47.29 6.71
C GLY A 35 30.72 -46.17 7.71
N GLN A 36 31.26 -44.97 7.43
CA GLN A 36 31.10 -43.86 8.37
C GLN A 36 29.65 -43.42 8.43
N LYS A 37 29.27 -42.90 9.60
CA LYS A 37 28.02 -42.15 9.69
C LYS A 37 28.15 -40.86 8.90
N TYR A 38 26.99 -40.25 8.60
CA TYR A 38 26.97 -39.04 7.76
C TYR A 38 27.22 -37.82 8.63
N ASN A 39 28.47 -37.41 8.71
CA ASN A 39 28.84 -36.24 9.50
C ASN A 39 28.34 -34.97 8.79
N TYR A 40 28.55 -33.82 9.44
CA TYR A 40 27.95 -32.59 8.93
C TYR A 40 28.72 -31.38 9.47
N ALA A 41 28.67 -30.30 8.71
CA ALA A 41 29.42 -29.10 9.04
C ALA A 41 28.59 -28.05 9.75
N TYR A 42 27.28 -28.04 9.56
CA TYR A 42 26.45 -27.03 10.19
C TYR A 42 25.30 -27.69 10.93
N GLY A 43 24.13 -27.81 10.30
CA GLY A 43 23.03 -28.53 10.88
C GLY A 43 23.01 -29.99 10.45
N ASN A 44 22.23 -30.80 11.15
CA ASN A 44 22.17 -32.22 10.79
C ASN A 44 20.93 -32.57 9.96
N ALA A 45 20.07 -31.60 9.66
CA ALA A 45 18.78 -31.86 9.02
C ALA A 45 18.64 -30.98 7.79
N ILE A 46 18.85 -31.58 6.60
CA ILE A 46 18.71 -30.87 5.34
C ILE A 46 17.31 -31.02 4.73
N ALA A 47 16.46 -31.83 5.35
CA ALA A 47 15.09 -32.07 4.87
C ALA A 47 14.13 -32.27 6.05
N PRO A 48 13.07 -31.47 6.18
CA PRO A 48 12.74 -30.31 5.35
C PRO A 48 13.56 -29.10 5.76
N HIS A 49 14.08 -28.37 4.79
CA HIS A 49 14.95 -27.24 5.07
C HIS A 49 15.03 -26.35 3.85
N GLY A 50 15.11 -25.05 4.08
CA GLY A 50 15.18 -24.09 2.98
C GLY A 50 13.81 -23.79 2.40
N ASP A 51 13.82 -23.21 1.20
CA ASP A 51 12.59 -22.79 0.53
C ASP A 51 11.97 -23.99 -0.20
N ALA A 52 11.59 -24.98 0.59
CA ALA A 52 11.38 -26.33 0.09
C ALA A 52 9.93 -26.70 -0.12
N ILE A 53 8.99 -25.80 0.10
CA ILE A 53 7.58 -26.15 -0.10
C ILE A 53 6.82 -24.97 -0.69
N LYS A 54 6.03 -25.22 -1.72
CA LYS A 54 5.19 -24.21 -2.34
C LYS A 54 3.83 -24.82 -2.65
N VAL A 55 2.82 -23.97 -2.71
CA VAL A 55 1.46 -24.37 -3.08
C VAL A 55 1.04 -23.56 -4.30
N TYR A 56 0.57 -24.25 -5.33
CA TYR A 56 0.06 -23.63 -6.55
C TYR A 56 -1.22 -24.34 -6.93
N LYS A 57 -2.33 -23.60 -6.93
CA LYS A 57 -3.66 -24.18 -7.12
C LYS A 57 -3.84 -25.38 -6.19
N ASN A 58 -4.08 -26.56 -6.76
CA ASN A 58 -4.31 -27.76 -5.96
C ASN A 58 -3.06 -28.65 -5.81
N TYR A 59 -1.88 -28.08 -5.92
CA TYR A 59 -0.65 -28.86 -5.87
C TYR A 59 0.26 -28.33 -4.80
N VAL A 60 0.81 -29.23 -3.98
CA VAL A 60 1.85 -28.89 -3.01
C VAL A 60 3.16 -29.46 -3.52
N PHE A 61 4.12 -28.59 -3.80
CA PHE A 61 5.43 -29.01 -4.28
C PHE A 61 6.41 -28.99 -3.11
N THR A 63 10.49 -30.27 -1.89
CA THR A 63 11.81 -30.78 -2.25
C THR A 63 12.46 -31.44 -1.05
N TRP A 64 13.43 -32.30 -1.34
CA TRP A 64 14.19 -33.02 -0.33
C TRP A 64 15.32 -33.76 -1.02
N TYR A 65 16.41 -33.98 -0.30
CA TYR A 65 17.41 -34.97 -0.68
C TYR A 65 17.01 -36.32 -0.13
N ARG A 66 17.26 -37.39 -0.90
CA ARG A 66 16.93 -38.75 -0.50
C ARG A 66 18.15 -39.44 0.14
N GLY A 67 17.90 -40.19 1.23
CA GLY A 67 18.98 -40.92 1.87
C GLY A 67 19.17 -42.31 1.27
N GLY A 68 20.24 -42.98 1.69
CA GLY A 68 21.20 -42.45 2.65
C GLY A 68 22.43 -41.81 2.06
N ILE A 69 23.56 -41.98 2.75
CA ILE A 69 24.80 -41.27 2.42
C ILE A 69 25.29 -41.60 1.01
N LEU A 70 24.93 -42.78 0.48
CA LEU A 70 25.39 -43.16 -0.84
C LEU A 70 24.40 -42.77 -1.94
N ASP A 71 23.28 -42.16 -1.58
CA ASP A 71 22.24 -41.79 -2.52
C ASP A 71 22.27 -40.28 -2.73
N ARG A 72 21.59 -39.55 -1.84
CA ARG A 72 21.66 -38.09 -1.76
C ARG A 72 21.02 -37.40 -2.95
N HIS A 73 20.14 -38.06 -3.69
CA HIS A 73 19.61 -37.46 -4.91
C HIS A 73 18.62 -36.34 -4.59
N VAL A 74 18.60 -35.34 -5.46
CA VAL A 74 17.63 -34.26 -5.39
C VAL A 74 16.25 -34.79 -5.79
N LEU A 76 11.84 -34.09 -6.07
CA LEU A 76 10.73 -33.15 -6.13
C LEU A 76 9.43 -33.95 -6.07
N THR A 77 8.63 -33.70 -5.03
CA THR A 77 7.36 -34.39 -4.82
C THR A 77 6.22 -33.41 -5.02
N ARG A 78 5.16 -33.87 -5.69
CA ARG A 78 3.97 -33.05 -5.87
C ARG A 78 2.79 -33.80 -5.29
N TYR A 79 2.14 -33.20 -4.30
CA TYR A 79 0.92 -33.74 -3.69
C TYR A 79 -0.29 -33.01 -4.27
N ASN A 80 -1.29 -33.78 -4.69
CA ASN A 80 -2.51 -33.21 -5.27
C ASN A 80 -3.56 -33.17 -4.15
N THR A 81 -3.93 -31.96 -3.73
CA THR A 81 -4.89 -31.81 -2.65
C THR A 81 -6.28 -32.29 -3.02
N LEU A 82 -6.57 -32.41 -4.33
CA LEU A 82 -7.89 -32.85 -4.77
C LEU A 82 -8.01 -34.36 -4.79
N THR A 83 -6.94 -35.08 -5.10
CA THR A 83 -6.98 -36.53 -5.18
C THR A 83 -6.34 -37.22 -3.99
N GLY A 84 -5.53 -36.52 -3.20
CA GLY A 84 -4.79 -37.16 -2.14
C GLY A 84 -3.59 -37.96 -2.60
N LYS A 85 -3.23 -37.88 -3.87
CA LYS A 85 -2.12 -38.67 -4.42
C LYS A 85 -0.87 -37.82 -4.59
N SER A 86 0.28 -38.49 -4.58
CA SER A 86 1.58 -37.84 -4.74
C SER A 86 2.39 -38.55 -5.79
N VAL A 87 3.24 -37.77 -6.46
CA VAL A 87 4.19 -38.29 -7.45
C VAL A 87 5.52 -37.59 -7.22
N THR A 88 6.62 -38.33 -7.39
CA THR A 88 7.94 -37.80 -7.11
C THR A 88 8.85 -37.98 -8.32
N ILE A 89 9.74 -37.00 -8.52
CA ILE A 89 10.72 -37.03 -9.59
C ILE A 89 12.10 -37.09 -8.94
N GLU A 90 12.92 -38.04 -9.40
CA GLU A 90 14.31 -38.13 -8.97
C GLU A 90 15.20 -37.41 -9.98
N PHE A 91 15.98 -36.48 -9.50
CA PHE A 91 16.94 -35.77 -10.35
C PHE A 91 18.31 -36.41 -10.26
N PRO A 92 19.10 -36.34 -11.33
CA PRO A 92 20.41 -37.01 -11.31
C PRO A 92 21.37 -36.43 -10.28
N HIS A 93 21.26 -35.13 -9.97
CA HIS A 93 22.23 -34.51 -9.08
C HIS A 93 22.16 -35.09 -7.67
N GLN A 94 23.32 -35.26 -7.03
CA GLN A 94 23.42 -35.73 -5.67
C GLN A 94 24.09 -34.66 -4.82
N HIS A 95 23.63 -34.51 -3.58
CA HIS A 95 24.22 -33.55 -2.65
C HIS A 95 25.74 -33.67 -2.64
N THR A 96 26.45 -32.56 -2.90
CA THR A 96 27.90 -32.60 -2.95
C THR A 96 28.55 -32.26 -1.62
N GLY A 97 27.76 -32.04 -0.56
CA GLY A 97 28.30 -31.91 0.77
C GLY A 97 29.05 -30.60 0.95
N PHE A 98 30.07 -30.65 1.82
CA PHE A 98 30.88 -29.48 2.08
C PHE A 98 31.96 -29.36 1.01
N GLU A 99 31.80 -28.38 0.11
CA GLU A 99 32.77 -28.09 -0.95
C GLU A 99 33.20 -29.36 -1.68
N GLY A 100 32.22 -30.17 -2.06
CA GLY A 100 32.47 -31.38 -2.81
C GLY A 100 32.68 -32.62 -1.99
N ARG A 101 32.94 -32.48 -0.68
CA ARG A 101 33.14 -33.61 0.23
C ARG A 101 31.75 -34.09 0.62
N TRP A 102 31.22 -35.00 -0.20
CA TRP A 102 29.80 -35.34 -0.13
C TRP A 102 29.44 -36.12 1.12
N TRP A 103 30.43 -36.67 1.83
CA TRP A 103 30.19 -37.35 3.09
C TRP A 103 30.13 -36.40 4.29
N VAL A 104 30.25 -35.09 4.06
CA VAL A 104 30.02 -34.10 5.11
C VAL A 104 28.79 -33.29 4.71
N GLY A 105 27.69 -33.48 5.45
CA GLY A 105 26.44 -32.84 5.10
C GLY A 105 26.49 -31.32 5.30
N GLU A 106 25.82 -30.60 4.40
CA GLU A 106 25.98 -29.15 4.31
C GLU A 106 24.58 -28.53 4.21
N THR A 107 24.04 -28.07 5.35
CA THR A 107 22.65 -27.62 5.36
C THR A 107 22.45 -26.24 4.73
N HIS A 108 23.51 -25.54 4.31
CA HIS A 108 23.28 -24.37 3.46
C HIS A 108 22.66 -24.78 2.13
N ASN A 109 22.95 -25.99 1.68
CA ASN A 109 22.79 -26.38 0.29
C ASN A 109 21.40 -26.94 0.01
N THR A 110 20.38 -26.16 0.36
CA THR A 110 19.01 -26.58 0.24
C THR A 110 18.56 -26.62 -1.22
N ILE A 111 17.37 -27.20 -1.42
CA ILE A 111 16.71 -27.22 -2.73
C ILE A 111 15.50 -26.31 -2.64
N ALA A 112 15.56 -25.18 -3.33
CA ALA A 112 14.43 -24.25 -3.39
C ALA A 112 13.57 -24.56 -4.61
N VAL A 113 12.25 -24.41 -4.45
CA VAL A 113 11.32 -24.68 -5.54
C VAL A 113 10.38 -23.49 -5.69
N ALA A 114 10.00 -23.21 -6.94
CA ALA A 114 8.94 -22.24 -7.21
C ALA A 114 8.17 -22.65 -8.45
N ILE A 115 6.90 -22.25 -8.50
CA ILE A 115 6.05 -22.34 -9.70
C ILE A 115 5.80 -20.93 -10.20
N SER A 116 5.93 -20.71 -11.51
CA SER A 116 5.39 -19.48 -12.11
C SER A 116 3.89 -19.63 -12.29
N PRO A 117 3.08 -18.78 -11.66
CA PRO A 117 1.63 -18.86 -11.89
C PRO A 117 1.23 -18.40 -13.29
N LYS A 118 2.16 -17.83 -14.06
CA LYS A 118 1.84 -17.37 -15.41
C LYS A 118 1.93 -18.52 -16.41
N ASP A 119 3.10 -19.14 -16.55
CA ASP A 119 3.27 -20.18 -17.55
C ASP A 119 3.42 -21.59 -16.95
N GLU A 120 3.22 -21.72 -15.64
CA GLU A 120 3.26 -23.02 -14.95
C GLU A 120 4.61 -23.73 -15.10
N THR A 121 5.69 -22.98 -15.34
CA THR A 121 7.02 -23.56 -15.26
C THR A 121 7.38 -23.84 -13.81
N ILE A 122 8.22 -24.86 -13.61
CA ILE A 122 8.75 -25.23 -12.31
C ILE A 122 10.22 -24.83 -12.28
N HIS A 123 10.64 -24.24 -11.17
CA HIS A 123 12.03 -23.80 -11.02
C HIS A 123 12.64 -24.39 -9.76
N LEU A 124 13.86 -24.91 -9.91
CA LEU A 124 14.62 -25.51 -8.81
C LEU A 124 16.01 -24.92 -8.75
N LEU A 125 16.44 -24.56 -7.55
CA LEU A 125 17.80 -24.10 -7.29
C LEU A 125 18.37 -24.90 -6.14
N TYR A 126 19.56 -25.48 -6.32
CA TYR A 126 19.96 -26.41 -5.26
C TYR A 126 21.47 -26.53 -5.11
N ASP A 127 21.86 -26.94 -3.90
CA ASP A 127 23.19 -27.45 -3.59
C ASP A 127 24.26 -26.40 -3.82
N HIS A 129 26.62 -23.19 -1.96
CA HIS A 129 27.09 -22.37 -0.85
C HIS A 129 28.26 -21.51 -1.35
N ALA A 130 27.91 -20.46 -2.11
CA ALA A 130 28.88 -19.47 -2.59
C ALA A 130 30.00 -20.11 -3.41
N TYR A 131 29.64 -21.07 -4.26
CA TYR A 131 30.68 -21.69 -5.06
C TYR A 131 31.01 -20.82 -6.27
N ARG A 132 32.21 -21.04 -6.81
CA ARG A 132 32.73 -20.28 -7.94
C ARG A 132 33.51 -21.23 -8.83
N GLU A 133 33.91 -20.73 -10.01
CA GLU A 133 34.54 -21.64 -10.98
C GLU A 133 35.83 -22.24 -10.44
N ASN A 134 36.52 -21.55 -9.53
CA ASN A 134 37.76 -22.07 -8.97
C ASN A 134 37.58 -22.57 -7.53
N THR A 135 36.35 -22.92 -7.15
CA THR A 135 36.14 -23.62 -5.89
C THR A 135 36.94 -24.92 -5.89
N ASP A 136 37.63 -25.18 -4.79
CA ASP A 136 38.52 -26.33 -4.68
C ASP A 136 37.73 -27.48 -4.07
N THR A 137 37.34 -28.45 -4.88
CA THR A 137 36.56 -29.56 -4.38
C THR A 137 37.41 -30.66 -3.75
N GLY A 138 38.71 -30.44 -3.63
CA GLY A 138 39.58 -31.45 -3.05
C GLY A 138 39.58 -32.76 -3.80
N GLY A 139 39.42 -32.72 -5.13
CA GLY A 139 39.40 -33.92 -5.92
C GLY A 139 38.05 -34.59 -6.03
N ASN A 140 36.97 -33.91 -5.66
CA ASN A 140 35.63 -34.47 -5.69
C ASN A 140 34.81 -33.70 -6.72
N GLY A 141 35.04 -34.01 -7.99
CA GLY A 141 34.24 -33.45 -9.06
C GLY A 141 34.78 -32.14 -9.59
N ASP A 142 34.37 -31.83 -10.82
CA ASP A 142 34.80 -30.62 -11.52
C ASP A 142 33.65 -29.61 -11.47
N ILE A 143 33.86 -28.51 -10.74
CA ILE A 143 32.80 -27.53 -10.51
C ILE A 143 32.95 -26.31 -11.41
N ARG A 144 33.89 -26.33 -12.35
CA ARG A 144 34.20 -25.12 -13.12
C ARG A 144 32.98 -24.60 -13.89
N LYS A 145 32.13 -25.50 -14.39
CA LYS A 145 30.90 -25.14 -15.08
C LYS A 145 29.68 -25.67 -14.33
N ASP A 146 29.77 -25.73 -12.99
CA ASP A 146 28.67 -26.26 -12.20
C ASP A 146 28.55 -25.56 -10.85
N TYR A 147 29.08 -24.33 -10.72
CA TYR A 147 29.09 -23.62 -9.45
C TYR A 147 27.75 -22.98 -9.13
N PHE A 148 26.88 -22.85 -10.12
CA PHE A 148 25.51 -22.35 -9.97
C PHE A 148 24.60 -23.41 -10.58
N ARG A 149 23.55 -23.79 -9.87
CA ARG A 149 22.82 -25.02 -10.17
C ARG A 149 21.32 -24.76 -10.26
N TYR A 150 20.81 -24.65 -11.48
CA TYR A 150 19.43 -24.29 -11.75
C TYR A 150 18.79 -25.33 -12.65
N SER A 151 17.59 -25.79 -12.28
CA SER A 151 16.82 -26.70 -13.11
C SER A 151 15.44 -26.11 -13.33
N TYR A 152 14.87 -26.33 -14.51
CA TYR A 152 13.58 -25.74 -14.81
C TYR A 152 12.85 -26.57 -15.85
N SER A 153 11.56 -26.31 -15.95
CA SER A 153 10.66 -27.19 -16.69
C SER A 153 10.09 -26.49 -17.92
N LEU A 154 9.40 -27.28 -18.73
CA LEU A 154 8.53 -26.76 -19.75
C LEU A 154 7.42 -25.93 -19.14
N ALA A 155 6.89 -25.01 -19.93
CA ALA A 155 5.64 -24.36 -19.59
C ALA A 155 4.54 -25.41 -19.51
N GLY A 156 3.66 -25.27 -18.51
CA GLY A 156 2.58 -26.21 -18.29
C GLY A 156 2.95 -27.43 -17.45
N ALA A 157 4.21 -27.56 -17.03
CA ALA A 157 4.61 -28.77 -16.31
C ALA A 157 3.95 -28.88 -14.96
N ALA A 158 3.62 -27.75 -14.32
CA ALA A 158 3.10 -27.81 -12.95
C ALA A 158 1.81 -28.60 -12.86
N SER A 159 1.03 -28.64 -13.93
CA SER A 159 -0.31 -29.22 -13.87
C SER A 159 -0.48 -30.45 -14.76
N VAL A 160 0.61 -31.07 -15.24
CA VAL A 160 0.43 -32.32 -15.97
C VAL A 160 -0.11 -33.38 -15.01
N THR A 161 -0.69 -34.45 -15.57
CA THR A 161 -1.16 -35.54 -14.74
C THR A 161 0.01 -36.22 -14.04
N ASP A 162 -0.31 -36.98 -12.99
CA ASP A 162 0.73 -37.66 -12.21
C ASP A 162 1.62 -38.52 -13.10
N ASN A 163 1.02 -39.28 -14.02
CA ASN A 163 1.85 -40.19 -14.81
C ASN A 163 2.78 -39.43 -15.77
N ASN A 164 2.48 -38.18 -16.06
CA ASN A 164 3.33 -37.36 -16.91
C ASN A 164 4.28 -36.48 -16.12
N PHE A 165 4.20 -36.51 -14.78
CA PHE A 165 5.07 -35.68 -13.94
C PHE A 165 6.40 -36.40 -13.76
N THR A 166 7.26 -36.25 -14.75
CA THR A 166 8.52 -36.97 -14.83
C THR A 166 9.62 -36.01 -15.28
N LEU A 167 10.85 -36.53 -15.31
CA LEU A 167 11.99 -35.77 -15.82
C LEU A 167 11.79 -35.29 -17.26
N THR A 168 10.88 -35.93 -18.03
CA THR A 168 10.56 -35.47 -19.36
C THR A 168 10.10 -34.01 -19.37
N GLN A 169 9.54 -33.54 -18.25
CA GLN A 169 9.07 -32.17 -18.13
C GLN A 169 10.19 -31.16 -17.92
N PHE A 170 11.41 -31.60 -17.67
CA PHE A 170 12.48 -30.69 -17.32
C PHE A 170 13.46 -30.55 -18.48
N VAL A 171 14.11 -29.40 -18.53
CA VAL A 171 14.88 -28.97 -19.69
C VAL A 171 16.35 -29.27 -19.44
N LYS A 172 16.95 -30.03 -20.35
CA LYS A 172 18.35 -30.39 -20.22
C LYS A 172 19.26 -29.21 -20.55
N ASP A 173 20.43 -29.22 -19.92
CA ASP A 173 21.53 -28.35 -20.33
C ASP A 173 22.01 -28.83 -21.69
N THR A 174 21.77 -28.02 -22.74
CA THR A 174 22.30 -28.29 -24.07
C THR A 174 23.27 -27.22 -24.51
N SER A 175 23.85 -26.49 -23.55
CA SER A 175 24.81 -25.45 -23.85
C SER A 175 26.16 -26.07 -24.21
N VAL A 176 27.12 -25.22 -24.57
CA VAL A 176 28.47 -25.70 -24.87
C VAL A 176 29.14 -26.31 -23.64
N ASN A 177 28.66 -26.00 -22.45
CA ASN A 177 29.18 -26.55 -21.21
C ASN A 177 28.45 -27.82 -20.74
N SER A 178 27.52 -28.35 -21.53
CA SER A 178 26.71 -29.47 -21.08
C SER A 178 27.56 -30.70 -20.75
N GLU A 179 27.23 -31.37 -19.65
CA GLU A 179 27.91 -32.61 -19.30
C GLU A 179 27.42 -33.81 -20.09
N GLY A 180 26.28 -33.72 -20.72
CA GLY A 180 25.78 -34.86 -21.45
C GLY A 180 24.30 -35.05 -21.24
N ALA A 181 23.85 -36.29 -21.45
CA ALA A 181 22.44 -36.58 -21.67
C ALA A 181 21.60 -36.49 -20.40
N THR A 182 22.19 -36.51 -19.20
CA THR A 182 21.41 -36.40 -17.98
C THR A 182 21.79 -35.16 -17.17
N ASP A 183 22.31 -34.14 -17.87
CA ASP A 183 22.68 -32.86 -17.26
C ASP A 183 21.44 -31.96 -17.32
N TYR A 184 20.77 -31.81 -16.17
CA TYR A 184 19.66 -30.90 -16.02
C TYR A 184 20.03 -29.61 -15.28
N LYS A 185 21.32 -29.35 -15.10
CA LYS A 185 21.77 -28.22 -14.28
C LYS A 185 22.28 -27.11 -15.18
N HIS A 186 21.68 -25.93 -15.05
CA HIS A 186 22.01 -24.77 -15.85
C HIS A 186 22.84 -23.79 -15.03
N LEU A 187 23.84 -23.21 -15.66
CA LEU A 187 24.82 -22.38 -14.98
C LEU A 187 24.36 -20.93 -14.89
N THR A 188 23.17 -20.62 -15.40
CA THR A 188 22.65 -19.27 -15.52
C THR A 188 21.13 -19.34 -15.56
N THR A 190 19.57 -16.52 -17.06
CA THR A 190 19.26 -15.53 -18.08
C THR A 190 19.55 -16.02 -19.49
N GLY A 191 20.00 -17.26 -19.64
CA GLY A 191 20.46 -17.72 -20.93
C GLY A 191 21.86 -17.28 -21.29
N ILE A 192 22.53 -16.50 -20.43
CA ILE A 192 23.87 -15.99 -20.68
C ILE A 192 24.78 -16.44 -19.56
N GLU A 193 25.84 -17.17 -19.91
CA GLU A 193 26.83 -17.55 -18.89
C GLU A 193 27.50 -16.29 -18.36
N ASP A 194 27.59 -16.17 -17.05
CA ASP A 194 28.05 -14.91 -16.44
C ASP A 194 28.58 -15.25 -15.04
N HIS A 195 29.91 -15.50 -14.97
CA HIS A 195 30.49 -15.89 -13.69
C HIS A 195 30.39 -14.77 -12.66
N GLY A 196 30.58 -13.52 -13.08
CA GLY A 196 30.41 -12.41 -12.16
C GLY A 196 29.03 -12.40 -11.51
N GLN A 197 28.01 -12.71 -12.30
CA GLN A 197 26.62 -12.65 -11.82
C GLN A 197 26.23 -13.87 -11.01
N PHE A 198 26.75 -15.06 -11.36
CA PHE A 198 26.20 -16.28 -10.78
C PHE A 198 27.15 -17.02 -9.84
N SER A 199 28.32 -16.46 -9.55
CA SER A 199 29.23 -17.07 -8.60
C SER A 199 29.02 -16.47 -7.20
N ARG A 200 29.50 -17.22 -6.20
CA ARG A 200 29.44 -16.81 -4.80
C ARG A 200 28.02 -16.58 -4.31
N LEU A 201 27.08 -17.41 -4.76
CA LEU A 201 25.67 -17.27 -4.38
C LEU A 201 25.27 -18.35 -3.38
N THR A 202 24.42 -17.96 -2.42
CA THR A 202 23.90 -18.85 -1.38
C THR A 202 22.46 -18.43 -1.05
N TYR A 203 21.68 -19.40 -0.54
CA TYR A 203 20.33 -19.21 0.01
C TYR A 203 19.29 -18.84 -1.03
N PRO A 204 18.94 -19.73 -1.96
CA PRO A 204 17.87 -19.42 -2.93
C PRO A 204 16.52 -19.38 -2.23
N THR A 205 15.81 -18.26 -2.40
CA THR A 205 14.48 -18.08 -1.82
C THR A 205 13.61 -17.35 -2.84
N PHE A 206 12.58 -18.02 -3.34
CA PHE A 206 11.64 -17.43 -4.27
C PHE A 206 10.48 -16.75 -3.52
N PHE A 207 9.87 -15.78 -4.18
CA PHE A 207 8.61 -15.23 -3.70
C PHE A 207 7.78 -14.81 -4.90
N THR A 208 6.47 -14.68 -4.68
CA THR A 208 5.52 -14.37 -5.74
C THR A 208 4.65 -13.19 -5.34
N SER A 209 4.20 -12.44 -6.33
CA SER A 209 3.33 -11.30 -6.09
C SER A 209 1.86 -11.68 -6.25
N HIS A 210 0.98 -10.73 -5.92
CA HIS A 210 -0.46 -10.93 -6.05
C HIS A 210 -0.84 -11.33 -7.46
N ASP A 211 -0.33 -10.61 -8.44
CA ASP A 211 -0.64 -10.81 -9.86
C ASP A 211 0.11 -11.98 -10.48
N GLY A 212 0.85 -12.75 -9.69
CA GLY A 212 1.49 -13.94 -10.22
C GLY A 212 2.88 -13.75 -10.80
N ASP A 213 3.53 -12.63 -10.53
CA ASP A 213 4.93 -12.51 -10.89
C ASP A 213 5.78 -13.32 -9.92
N LEU A 214 6.87 -13.87 -10.44
CA LEU A 214 7.75 -14.75 -9.67
C LEU A 214 9.12 -14.10 -9.58
N PHE A 215 9.68 -14.08 -8.37
CA PHE A 215 10.97 -13.45 -8.12
C PHE A 215 11.87 -14.41 -7.36
N LEU A 216 13.17 -14.12 -7.37
CA LEU A 216 14.14 -14.90 -6.62
C LEU A 216 15.13 -13.95 -5.98
N HIS A 217 15.53 -14.22 -4.74
CA HIS A 217 16.69 -13.53 -4.18
C HIS A 217 17.68 -14.51 -3.58
N ARG A 219 21.94 -14.47 -1.61
CA ARG A 219 23.02 -13.69 -1.03
C ARG A 219 24.26 -13.93 -1.87
N GLN A 220 24.98 -12.85 -2.18
CA GLN A 220 26.20 -12.97 -2.96
C GLN A 220 27.37 -12.46 -2.14
N GLY A 221 28.48 -13.18 -2.20
CA GLY A 221 29.70 -12.72 -1.56
C GLY A 221 30.07 -13.55 -0.35
N SER A 222 30.53 -12.89 0.71
CA SER A 222 31.05 -13.55 1.89
C SER A 222 30.46 -12.89 3.14
N SER A 223 30.79 -13.47 4.30
CA SER A 223 30.41 -12.87 5.57
C SER A 223 31.14 -11.56 5.86
N HIS A 224 32.17 -11.20 5.09
CA HIS A 224 32.82 -9.89 5.24
C HIS A 224 32.41 -8.89 4.18
N ASP A 225 31.77 -9.34 3.11
CA ASP A 225 31.44 -8.47 1.97
C ASP A 225 30.32 -9.20 1.22
N GLY A 226 29.08 -8.89 1.59
CA GLY A 226 27.95 -9.64 1.08
C GLY A 226 26.78 -8.74 0.73
N ARG A 227 26.01 -9.17 -0.28
CA ARG A 227 24.84 -8.42 -0.70
C ARG A 227 23.70 -9.39 -0.96
N VAL A 228 22.49 -8.84 -0.99
CA VAL A 228 21.32 -9.54 -1.51
C VAL A 228 21.12 -9.11 -2.95
N VAL A 229 20.96 -10.08 -3.84
CA VAL A 229 20.63 -9.83 -5.24
C VAL A 229 19.29 -10.49 -5.52
N PHE A 230 18.51 -9.88 -6.42
CA PHE A 230 17.20 -10.44 -6.74
C PHE A 230 16.89 -10.20 -8.21
N ASN A 231 16.05 -11.07 -8.77
CA ASN A 231 15.67 -10.95 -10.17
C ASN A 231 14.20 -11.34 -10.31
N LYS A 232 13.71 -11.29 -11.54
CA LYS A 232 12.31 -11.55 -11.84
C LYS A 232 12.24 -12.53 -13.00
N TYR A 233 11.26 -13.43 -12.93
CA TYR A 233 11.02 -14.36 -14.02
C TYR A 233 10.24 -13.67 -15.12
N LEU A 234 10.74 -13.76 -16.34
CA LEU A 234 10.10 -13.14 -17.50
C LEU A 234 9.37 -14.25 -18.25
N ALA A 235 8.11 -14.50 -17.88
CA ALA A 235 7.37 -15.62 -18.46
C ALA A 235 7.25 -15.50 -19.96
N GLU A 236 7.11 -14.28 -20.48
CA GLU A 236 6.98 -14.11 -21.92
C GLU A 236 8.26 -14.45 -22.66
N GLN A 237 9.40 -14.51 -21.98
CA GLN A 237 10.67 -14.82 -22.62
C GLN A 237 11.27 -16.15 -22.17
N GLY A 238 10.66 -16.84 -21.21
CA GLY A 238 11.17 -18.12 -20.75
C GLY A 238 12.52 -18.01 -20.06
N LYS A 239 12.77 -16.91 -19.37
CA LYS A 239 14.05 -16.72 -18.71
C LYS A 239 13.88 -15.66 -17.63
N TRP A 240 14.96 -15.35 -16.95
CA TRP A 240 14.95 -14.41 -15.82
C TRP A 240 15.73 -13.15 -16.18
N SER A 241 15.37 -12.07 -15.52
CA SER A 241 16.12 -10.83 -15.63
C SER A 241 17.48 -10.96 -14.96
N HIS A 242 18.35 -9.99 -15.25
CA HIS A 242 19.65 -9.90 -14.60
C HIS A 242 19.48 -9.61 -13.12
N PHE A 243 20.27 -10.30 -12.28
CA PHE A 243 20.26 -10.03 -10.85
C PHE A 243 20.48 -8.55 -10.58
N LYS A 244 19.73 -8.01 -9.63
CA LYS A 244 19.82 -6.62 -9.23
C LYS A 244 20.21 -6.55 -7.75
N SER A 245 21.16 -5.67 -7.41
CA SER A 245 21.66 -5.59 -6.05
C SER A 245 20.74 -4.75 -5.17
N PHE A 246 20.28 -5.34 -4.05
CA PHE A 246 19.63 -4.51 -3.04
C PHE A 246 20.64 -3.60 -2.35
N ASN A 247 21.81 -4.13 -2.02
CA ASN A 247 22.91 -3.38 -1.42
C ASN A 247 24.18 -3.70 -2.20
N VAL A 248 25.17 -2.81 -2.07
CA VAL A 248 26.40 -2.95 -2.85
C VAL A 248 27.31 -4.01 -2.23
N LEU A 249 28.25 -4.49 -3.05
CA LEU A 249 29.46 -5.07 -2.53
C LEU A 249 30.53 -3.99 -2.46
N GLY A 250 31.52 -4.22 -1.61
CA GLY A 250 32.59 -3.24 -1.45
C GLY A 250 32.11 -1.91 -0.91
N ALA A 251 31.17 -1.94 0.04
CA ALA A 251 30.63 -0.70 0.58
C ALA A 251 31.70 0.18 1.22
N GLY A 252 32.82 -0.41 1.67
CA GLY A 252 33.88 0.35 2.30
C GLY A 252 34.61 1.31 1.39
N LYS A 253 34.40 1.23 0.08
CA LYS A 253 34.96 2.17 -0.88
C LYS A 253 33.88 2.97 -1.58
N LYS A 254 32.61 2.80 -1.18
CA LYS A 254 31.51 3.43 -1.89
C LYS A 254 30.68 4.34 -0.98
N GLY A 255 31.15 4.59 0.24
CA GLY A 255 30.46 5.51 1.11
C GLY A 255 30.31 5.05 2.56
N GLU A 256 30.45 3.77 2.82
CA GLU A 256 30.37 3.24 4.18
C GLU A 256 31.77 3.19 4.81
N ILE A 257 31.80 3.10 6.14
CA ILE A 257 33.10 3.10 6.82
C ILE A 257 33.90 1.84 6.49
N LYS A 258 33.25 0.78 6.04
CA LYS A 258 33.84 -0.55 5.92
C LYS A 258 32.88 -1.40 5.10
N ASN A 259 33.41 -2.46 4.49
CA ASN A 259 32.55 -3.47 3.90
C ASN A 259 31.65 -4.09 4.97
N TRP A 260 30.50 -4.63 4.55
CA TRP A 260 29.63 -5.33 5.48
C TRP A 260 28.92 -6.44 4.73
N SER A 261 28.22 -7.31 5.48
CA SER A 261 27.45 -8.41 4.91
C SER A 261 26.05 -8.38 5.51
N ILE A 262 25.11 -9.00 4.81
CA ILE A 262 23.69 -8.77 5.05
C ILE A 262 23.03 -10.10 5.39
N TYR A 263 22.29 -10.12 6.50
CA TYR A 263 21.69 -11.34 7.06
C TYR A 263 20.20 -11.08 7.18
N GLY A 264 19.43 -11.54 6.21
CA GLY A 264 18.01 -11.29 6.23
C GLY A 264 17.33 -11.95 5.05
N LYS A 265 16.10 -11.51 4.80
CA LYS A 265 15.30 -12.16 3.77
C LYS A 265 14.35 -11.15 3.16
N LYS A 267 10.80 -10.64 1.20
CA LYS A 267 9.51 -11.30 1.12
C LYS A 267 8.54 -10.40 0.37
N TYR A 268 7.50 -11.01 -0.17
CA TYR A 268 6.35 -10.25 -0.65
C TYR A 268 5.36 -10.19 0.50
N ALA A 269 5.06 -8.98 0.97
CA ALA A 269 4.27 -8.80 2.19
C ALA A 269 3.40 -7.58 2.00
N ASP A 270 2.12 -7.71 2.36
CA ASP A 270 1.12 -6.67 2.16
C ASP A 270 1.29 -5.99 0.80
N GLY A 271 1.32 -6.81 -0.25
CA GLY A 271 1.30 -6.30 -1.61
C GLY A 271 2.57 -5.65 -2.11
N LYS A 272 3.69 -5.80 -1.41
CA LYS A 272 4.93 -5.15 -1.82
C LYS A 272 6.12 -6.07 -1.58
N ILE A 273 7.13 -5.90 -2.41
CA ILE A 273 8.42 -6.53 -2.19
C ILE A 273 9.15 -5.74 -1.12
N ARG A 274 9.60 -6.44 -0.05
CA ARG A 274 10.28 -5.78 1.06
C ARG A 274 11.44 -6.64 1.54
N ILE A 275 12.25 -6.08 2.45
CA ILE A 275 13.37 -6.81 3.04
C ILE A 275 13.52 -6.42 4.50
N GLY A 276 13.86 -7.38 5.33
CA GLY A 276 14.30 -7.12 6.68
C GLY A 276 15.62 -7.83 6.88
N PHE A 277 16.52 -7.20 7.62
CA PHE A 277 17.83 -7.82 7.75
C PHE A 277 18.57 -7.25 8.95
N GLN A 278 19.64 -7.96 9.33
CA GLN A 278 20.65 -7.47 10.25
C GLN A 278 21.98 -7.44 9.52
N ARG A 279 22.94 -6.73 10.09
CA ARG A 279 24.20 -6.43 9.41
C ARG A 279 25.35 -7.10 10.17
N ARG A 280 26.32 -7.62 9.44
CA ARG A 280 27.57 -8.05 10.06
C ARG A 280 28.66 -7.13 9.57
N PHE A 281 29.27 -6.38 10.44
CA PHE A 281 30.31 -5.46 10.07
C PHE A 281 31.71 -6.02 10.26
N ASN A 282 31.87 -7.00 11.13
CA ASN A 282 33.18 -7.56 11.43
C ASN A 282 34.14 -6.48 11.92
N LEU A 283 33.62 -5.49 12.59
CA LEU A 283 34.49 -4.59 13.34
C LEU A 283 34.93 -5.26 14.64
N PRO A 284 36.14 -4.99 15.12
CA PRO A 284 36.50 -5.46 16.46
C PRO A 284 35.77 -4.63 17.50
N ASP A 285 34.64 -5.14 17.99
CA ASP A 285 33.74 -4.33 18.78
C ASP A 285 32.95 -5.26 19.69
N ARG A 286 31.88 -4.73 20.28
CA ARG A 286 31.04 -5.51 21.19
C ARG A 286 30.21 -6.56 20.47
N PHE A 287 30.13 -6.52 19.14
CA PHE A 287 29.24 -7.40 18.38
C PHE A 287 30.03 -8.61 17.88
N ARG A 288 29.77 -9.77 18.49
CA ARG A 288 30.43 -11.01 18.06
C ARG A 288 30.14 -11.31 16.60
N ALA A 289 28.92 -11.00 16.14
CA ALA A 289 28.51 -11.28 14.78
C ALA A 289 27.66 -10.13 14.26
N GLN A 290 26.34 -10.31 14.19
CA GLN A 290 25.53 -9.25 13.59
C GLN A 290 25.29 -8.09 14.56
N ASP A 291 24.86 -6.97 13.99
CA ASP A 291 24.43 -5.80 14.74
C ASP A 291 23.25 -5.17 14.00
N GLY A 292 22.48 -4.37 14.73
CA GLY A 292 21.42 -3.60 14.13
C GLY A 292 20.22 -4.42 13.72
N PHE A 294 17.16 -3.87 10.47
CA PHE A 294 16.92 -2.99 9.34
C PHE A 294 15.73 -3.49 8.52
N TYR A 295 15.09 -2.55 7.81
CA TYR A 295 13.90 -2.88 7.04
C TYR A 295 13.71 -1.83 5.95
N ALA A 296 13.31 -2.27 4.77
CA ALA A 296 12.95 -1.35 3.70
C ALA A 296 11.90 -2.03 2.83
N TYR A 297 11.15 -1.21 2.09
CA TYR A 297 10.14 -1.77 1.20
C TYR A 297 10.14 -0.96 -0.10
N SER A 298 9.64 -1.60 -1.16
CA SER A 298 9.57 -0.97 -2.48
C SER A 298 8.13 -0.70 -2.84
N ASP A 299 7.85 0.50 -3.34
CA ASP A 299 6.54 0.83 -3.87
C ASP A 299 6.42 0.49 -5.34
N ASP A 300 7.47 -0.07 -5.93
CA ASP A 300 7.49 -0.50 -7.32
C ASP A 300 7.04 -1.96 -7.40
N PRO A 301 6.02 -2.29 -8.19
CA PRO A 301 5.59 -3.71 -8.25
C PRO A 301 6.69 -4.64 -8.73
N SER A 302 7.66 -4.14 -9.51
CA SER A 302 8.80 -4.96 -9.86
C SER A 302 9.86 -5.00 -8.76
N GLY A 303 9.72 -4.18 -7.72
CA GLY A 303 10.69 -4.13 -6.65
C GLY A 303 12.00 -3.48 -7.00
N GLU A 304 12.10 -2.81 -8.15
CA GLU A 304 13.40 -2.34 -8.61
C GLU A 304 13.68 -0.91 -8.15
N THR A 305 12.69 -0.04 -8.13
CA THR A 305 12.83 1.35 -7.72
C THR A 305 11.93 1.63 -6.53
N GLN A 306 11.91 2.90 -6.10
CA GLN A 306 10.95 3.37 -5.09
C GLN A 306 11.15 2.66 -3.75
N TRP A 307 12.40 2.42 -3.38
CA TRP A 307 12.70 1.79 -2.10
C TRP A 307 12.70 2.83 -0.99
N LYS A 308 12.09 2.45 0.14
CA LYS A 308 11.86 3.38 1.25
C LYS A 308 12.13 2.68 2.58
N ASN A 309 12.44 3.48 3.59
CA ASN A 309 12.57 2.93 4.93
C ASN A 309 11.21 2.95 5.61
N TYR A 310 11.15 2.54 6.89
CA TYR A 310 9.84 2.36 7.51
C TYR A 310 9.10 3.68 7.67
N LYS A 311 9.82 4.79 7.69
CA LYS A 311 9.19 6.10 7.76
C LYS A 311 8.66 6.58 6.41
N GLY A 312 8.97 5.86 5.33
CA GLY A 312 8.54 6.26 4.00
C GLY A 312 9.53 7.10 3.25
N GLU A 313 10.73 7.30 3.79
CA GLU A 313 11.76 8.09 3.13
C GLU A 313 12.51 7.24 2.11
N ALA A 314 12.80 7.83 0.96
CA ALA A 314 13.58 7.12 -0.04
C ALA A 314 14.97 6.78 0.51
N ILE A 315 15.43 5.57 0.22
CA ILE A 315 16.77 5.16 0.61
C ILE A 315 17.64 5.06 -0.63
N THR A 316 18.95 5.19 -0.42
CA THR A 316 19.91 4.98 -1.49
C THR A 316 19.78 3.56 -2.04
N PRO A 318 21.44 1.07 -5.29
CA PRO A 318 21.68 0.04 -4.26
C PRO A 318 22.19 0.64 -2.95
N LEU A 319 21.76 0.07 -1.82
CA LEU A 319 22.10 0.63 -0.52
C LEU A 319 23.57 0.44 -0.21
N VAL A 320 24.18 1.47 0.39
CA VAL A 320 25.56 1.43 0.82
C VAL A 320 25.69 1.49 2.34
N LYS A 321 24.90 2.36 2.98
CA LYS A 321 24.90 2.54 4.44
C LYS A 321 23.61 1.93 4.99
N ALA A 322 23.73 0.80 5.68
CA ALA A 322 22.54 0.11 6.18
C ALA A 322 21.68 1.00 7.07
N ASP A 323 22.29 1.94 7.81
CA ASP A 323 21.54 2.74 8.77
C ASP A 323 20.40 3.53 8.13
N GLU A 324 20.44 3.80 6.81
CA GLU A 324 19.28 4.40 6.16
C GLU A 324 18.02 3.61 6.42
N ALA A 325 18.15 2.30 6.61
CA ALA A 325 17.01 1.39 6.78
C ALA A 325 16.85 0.94 8.23
N LEU A 326 17.49 1.62 9.17
CA LEU A 326 17.43 1.23 10.58
C LEU A 326 16.01 1.20 11.13
N VAL A 327 15.69 0.19 11.95
CA VAL A 327 14.47 0.22 12.76
C VAL A 327 14.78 0.11 14.26
N ARG A 329 18.21 -0.95 17.38
CA ARG A 329 19.59 -1.38 17.64
C ARG A 329 19.54 -2.46 18.71
N PRO A 330 19.67 -3.74 18.37
CA PRO A 330 19.52 -4.79 19.41
C PRO A 330 20.59 -4.73 20.49
N GLY A 331 21.75 -4.12 20.22
CA GLY A 331 22.73 -3.91 21.27
C GLY A 331 22.16 -3.14 22.47
N ASP A 332 21.17 -2.26 22.21
CA ASP A 332 20.49 -1.55 23.24
C ASP A 332 19.88 -2.47 24.28
N LEU A 333 19.48 -3.69 23.89
CA LEU A 333 18.83 -4.61 24.79
C LEU A 333 19.78 -5.16 25.86
N LEU A 334 21.08 -5.02 25.65
CA LEU A 334 22.10 -5.38 26.63
C LEU A 334 23.01 -4.17 26.76
N PRO A 335 22.50 -3.08 27.33
CA PRO A 335 23.22 -1.80 27.23
C PRO A 335 24.53 -1.77 27.99
N ASP A 336 24.75 -2.68 28.94
CA ASP A 336 26.02 -2.74 29.67
C ASP A 336 26.98 -3.76 29.09
N ALA A 337 26.59 -4.47 28.03
CA ALA A 337 27.41 -5.52 27.44
C ALA A 337 28.31 -4.87 26.39
N THR A 338 29.38 -4.24 26.88
CA THR A 338 30.28 -3.43 26.05
C THR A 338 31.62 -4.09 25.75
N ALA A 339 31.93 -5.22 26.39
CA ALA A 339 33.20 -5.87 26.14
C ALA A 339 33.19 -6.49 24.75
N LYS A 340 34.38 -6.81 24.25
CA LYS A 340 34.46 -7.40 22.92
C LYS A 340 33.59 -8.64 22.84
N ASP A 341 32.82 -8.71 21.76
CA ASP A 341 31.98 -9.85 21.42
C ASP A 341 30.88 -10.15 22.44
N GLN A 342 30.62 -9.25 23.39
CA GLN A 342 29.66 -9.54 24.46
C GLN A 342 28.21 -9.57 23.97
N VAL A 343 27.89 -8.90 22.85
CA VAL A 343 26.57 -9.00 22.23
C VAL A 343 26.68 -9.94 21.05
N SER A 344 26.01 -11.09 21.14
CA SER A 344 26.13 -12.14 20.14
C SER A 344 24.77 -12.29 19.47
N ILE A 345 24.70 -11.84 18.22
CA ILE A 345 23.50 -11.97 17.39
C ILE A 345 23.87 -12.85 16.21
N THR A 346 23.32 -14.08 16.20
CA THR A 346 23.70 -15.06 15.19
C THR A 346 22.51 -15.68 14.47
N GLY A 347 21.29 -15.32 14.85
CA GLY A 347 20.12 -15.91 14.25
C GLY A 347 18.89 -15.44 14.99
N GLY A 348 17.76 -16.08 14.67
CA GLY A 348 16.52 -15.71 15.34
C GLY A 348 15.85 -14.47 14.81
N PHE A 349 16.25 -13.98 13.65
CA PHE A 349 15.68 -12.76 13.11
C PHE A 349 14.60 -13.08 12.09
N ASP A 350 13.47 -12.37 12.17
CA ASP A 350 12.44 -12.52 11.16
C ASP A 350 11.55 -11.28 11.21
N TRP A 351 10.69 -11.14 10.20
CA TRP A 351 9.83 -9.98 10.07
C TRP A 351 8.64 -10.36 9.20
N THR A 352 7.59 -9.54 9.28
CA THR A 352 6.46 -9.66 8.37
C THR A 352 5.72 -8.34 8.36
N VAL A 353 4.85 -8.16 7.37
CA VAL A 353 3.90 -7.06 7.34
C VAL A 353 2.54 -7.67 7.05
N THR A 354 1.55 -7.36 7.89
CA THR A 354 0.22 -7.93 7.71
C THR A 354 -0.51 -7.23 6.56
N GLU A 355 -1.65 -7.82 6.17
CA GLU A 355 -2.52 -7.22 5.15
C GLU A 355 -3.09 -5.88 5.56
N ASN A 356 -2.93 -5.46 6.82
CA ASN A 356 -3.34 -4.14 7.28
C ASN A 356 -2.15 -3.21 7.50
N GLY A 357 -0.98 -3.60 7.01
CA GLY A 357 0.17 -2.71 7.07
C GLY A 357 0.90 -2.72 8.39
N ASP A 358 0.52 -3.61 9.32
CA ASP A 358 1.25 -3.73 10.58
C ASP A 358 2.63 -4.32 10.32
N LEU A 359 3.66 -3.64 10.80
CA LEU A 359 5.03 -4.07 10.62
C LEU A 359 5.51 -4.75 11.89
N HIS A 360 6.12 -5.93 11.75
CA HIS A 360 6.56 -6.75 12.87
C HIS A 360 7.95 -7.30 12.58
N LEU A 361 8.86 -7.18 13.54
CA LEU A 361 10.20 -7.77 13.45
C LEU A 361 10.58 -8.40 14.79
N ILE A 362 11.24 -9.54 14.73
CA ILE A 362 11.68 -10.24 15.93
C ILE A 362 13.17 -10.53 15.83
N GLY A 363 13.79 -10.71 16.99
CA GLY A 363 15.21 -10.99 17.05
C GLY A 363 15.56 -11.74 18.32
N GLN A 364 16.71 -12.39 18.28
CA GLN A 364 17.31 -12.99 19.47
C GLN A 364 18.68 -12.36 19.67
N THR A 365 18.88 -11.74 20.84
CA THR A 365 20.10 -11.03 21.16
C THR A 365 20.69 -11.66 22.41
N ASN A 366 21.88 -12.26 22.28
CA ASN A 366 22.46 -13.03 23.38
C ASN A 366 23.61 -12.27 24.02
N GLU A 367 23.74 -12.43 25.34
CA GLU A 367 24.93 -11.94 26.05
C GLU A 367 25.98 -13.03 26.07
N TRP A 368 27.21 -12.68 25.70
CA TRP A 368 28.27 -13.65 25.43
C TRP A 368 29.46 -13.31 26.32
N VAL A 369 29.68 -14.13 27.36
CA VAL A 369 30.71 -13.88 28.36
C VAL A 369 31.51 -15.16 28.58
N ASN A 370 32.84 -15.03 28.58
CA ASN A 370 33.76 -16.17 28.56
C ASN A 370 33.27 -17.26 27.63
N LYS A 371 33.02 -16.85 26.37
CA LYS A 371 32.82 -17.77 25.25
C LYS A 371 31.56 -18.62 25.40
N LYS A 372 30.55 -18.08 26.07
CA LYS A 372 29.30 -18.78 26.31
C LYS A 372 28.15 -17.79 26.35
N VAL A 373 26.99 -18.22 25.85
CA VAL A 373 25.78 -17.42 26.01
C VAL A 373 25.33 -17.54 27.46
N ILE A 374 25.22 -16.40 28.15
CA ILE A 374 24.75 -16.39 29.53
C ILE A 374 23.38 -15.77 29.66
N LYS A 375 22.84 -15.18 28.60
CA LYS A 375 21.52 -14.56 28.65
C LYS A 375 21.00 -14.49 27.22
N LYS A 376 19.72 -14.82 27.05
CA LYS A 376 19.06 -14.76 25.75
C LYS A 376 17.92 -13.76 25.84
N VAL A 377 17.94 -12.74 24.97
CA VAL A 377 16.91 -11.72 24.96
C VAL A 377 16.16 -11.84 23.64
N TYR A 378 14.85 -12.05 23.70
CA TYR A 378 14.02 -12.07 22.51
C TYR A 378 13.27 -10.76 22.40
N SER A 379 13.28 -10.15 21.20
CA SER A 379 12.63 -8.86 21.02
C SER A 379 11.54 -8.95 19.95
N HIS A 380 10.51 -8.12 20.14
CA HIS A 380 9.43 -7.96 19.19
C HIS A 380 9.30 -6.46 18.94
N THR A 381 9.51 -6.04 17.71
CA THR A 381 9.39 -4.64 17.31
C THR A 381 8.21 -4.51 16.38
N TYR A 382 7.30 -3.58 16.65
CA TYR A 382 6.10 -3.57 15.83
C TYR A 382 5.52 -2.16 15.72
N GLN A 383 4.85 -1.94 14.59
CA GLN A 383 4.26 -0.65 14.28
C GLN A 383 2.85 -0.93 13.73
N LYS A 384 1.84 -0.50 14.47
CA LYS A 384 0.47 -0.77 14.04
C LYS A 384 0.12 0.07 12.82
N ALA A 385 -0.44 -0.57 11.79
CA ALA A 385 -0.97 0.07 10.60
C ALA A 385 0.06 0.94 9.87
N GLY A 386 1.35 0.65 10.06
CA GLY A 386 2.40 1.33 9.30
C GLY A 386 2.65 2.75 9.71
N VAL A 387 2.14 3.19 10.87
CA VAL A 387 2.25 4.57 11.32
C VAL A 387 2.47 4.60 12.83
N GLY A 388 2.90 5.76 13.33
CA GLY A 388 3.08 5.94 14.75
C GLY A 388 4.40 5.38 15.25
N GLU A 389 4.47 5.24 16.57
CA GLU A 389 5.70 4.84 17.23
C GLU A 389 6.06 3.40 16.91
N LEU A 390 7.34 3.15 16.70
CA LEU A 390 7.86 1.79 16.67
C LEU A 390 8.02 1.32 18.10
N ILE A 391 7.28 0.28 18.48
CA ILE A 391 7.36 -0.29 19.82
C ILE A 391 8.30 -1.49 19.78
N THR A 392 9.27 -1.53 20.69
CA THR A 392 10.09 -2.71 20.90
C THR A 392 9.87 -3.20 22.32
N THR A 393 9.57 -4.48 22.47
CA THR A 393 9.46 -5.11 23.78
C THR A 393 10.30 -6.37 23.81
N THR A 394 10.86 -6.68 24.99
CA THR A 394 11.49 -7.97 25.20
C THR A 394 10.55 -8.96 25.87
N ASP A 395 9.28 -8.57 26.04
CA ASP A 395 8.26 -9.48 26.56
C ASP A 395 7.71 -10.30 25.40
N PHE A 396 8.55 -11.24 24.93
CA PHE A 396 8.29 -12.04 23.74
C PHE A 396 8.89 -13.43 23.94
N PRO A 397 8.18 -14.49 23.53
CA PRO A 397 8.66 -15.85 23.83
C PRO A 397 9.82 -16.24 22.93
N PRO A 398 10.47 -17.37 23.20
CA PRO A 398 11.58 -17.81 22.33
C PRO A 398 11.13 -18.31 20.97
N ALA A 399 10.54 -17.44 20.15
CA ALA A 399 10.14 -17.81 18.81
C ALA A 399 11.15 -17.26 17.81
N SER A 400 11.39 -18.00 16.74
CA SER A 400 12.41 -17.62 15.76
C SER A 400 11.86 -17.16 14.43
N GLN A 401 10.55 -17.32 14.19
CA GLN A 401 9.95 -16.91 12.92
C GLN A 401 8.57 -16.32 13.18
N LEU A 402 8.13 -15.44 12.28
CA LEU A 402 6.80 -14.87 12.31
C LEU A 402 6.10 -15.10 10.99
N TYR A 403 4.80 -15.33 11.04
CA TYR A 403 3.97 -15.55 9.87
C TYR A 403 2.76 -14.64 9.93
N THR A 404 2.02 -14.54 8.81
CA THR A 404 0.84 -13.69 8.81
C THR A 404 -0.22 -14.24 7.88
N ALA A 405 -1.47 -14.02 8.26
CA ALA A 405 -2.62 -14.32 7.42
C ALA A 405 -3.78 -13.52 7.96
N GLY A 406 -4.59 -12.98 7.06
CA GLY A 406 -5.69 -12.14 7.49
C GLY A 406 -5.17 -10.99 8.33
N GLU A 407 -5.92 -10.66 9.38
CA GLU A 407 -5.48 -9.55 10.23
C GLU A 407 -4.45 -9.95 11.27
N ASN A 408 -3.96 -11.19 11.25
CA ASN A 408 -3.19 -11.73 12.36
C ASN A 408 -1.72 -11.97 12.00
N ILE A 409 -0.90 -12.07 13.04
CA ILE A 409 0.42 -12.67 12.93
C ILE A 409 0.43 -13.94 13.76
N TYR A 410 1.36 -14.83 13.45
CA TYR A 410 1.39 -16.15 14.05
C TYR A 410 2.81 -16.56 14.42
N ILE A 411 2.93 -17.23 15.57
CA ILE A 411 4.08 -18.05 15.92
C ILE A 411 3.65 -19.49 15.72
N ILE A 412 4.47 -20.26 14.99
CA ILE A 412 4.14 -21.65 14.66
C ILE A 412 5.37 -22.48 14.98
N GLY A 413 5.18 -23.55 15.74
CA GLY A 413 6.34 -24.31 16.15
C GLY A 413 5.95 -25.66 16.69
N LEU A 414 6.93 -26.30 17.31
CA LEU A 414 6.76 -27.62 17.91
C LEU A 414 6.98 -27.49 19.41
N GLU A 415 6.03 -28.00 20.19
CA GLU A 415 6.16 -28.06 21.62
C GLU A 415 5.99 -29.51 22.04
N GLN A 416 7.02 -30.07 22.67
CA GLN A 416 7.08 -31.50 22.96
C GLN A 416 6.87 -32.32 21.70
N GLY A 417 7.34 -31.82 20.56
CA GLY A 417 7.20 -32.49 19.29
C GLY A 417 5.90 -32.25 18.55
N ARG A 418 4.94 -31.56 19.16
CA ARG A 418 3.62 -31.41 18.59
C ARG A 418 3.41 -29.99 18.08
N PRO A 419 2.83 -29.83 16.90
CA PRO A 419 2.65 -28.48 16.34
C PRO A 419 1.71 -27.64 17.20
N PHE A 420 2.07 -26.37 17.38
CA PHE A 420 1.19 -25.40 18.00
C PHE A 420 1.16 -24.15 17.14
N VAL A 421 0.09 -23.38 17.29
CA VAL A 421 -0.06 -22.07 16.67
C VAL A 421 -0.45 -21.06 17.73
N GLU A 422 0.31 -19.98 17.84
CA GLU A 422 -0.05 -18.83 18.65
C GLU A 422 -0.40 -17.69 17.73
N GLN A 423 -1.41 -16.91 18.10
CA GLN A 423 -1.91 -15.89 17.19
C GLN A 423 -2.08 -14.56 17.94
N ALA A 424 -1.76 -13.47 17.25
CA ALA A 424 -1.95 -12.12 17.78
C ALA A 424 -2.52 -11.24 16.68
N LYS A 425 -3.37 -10.31 17.07
CA LYS A 425 -3.82 -9.30 16.10
C LYS A 425 -2.62 -8.48 15.65
N GLY A 426 -2.54 -8.23 14.34
CA GLY A 426 -1.43 -7.44 13.83
C GLY A 426 -1.39 -6.10 14.52
N GLY A 427 -0.20 -5.53 14.69
CA GLY A 427 -0.05 -4.28 15.39
C GLY A 427 -0.04 -4.41 16.90
N THR A 428 -0.06 -5.64 17.43
CA THR A 428 -0.08 -5.89 18.86
C THR A 428 0.97 -6.93 19.22
N ASN A 429 1.17 -7.11 20.53
CA ASN A 429 2.01 -8.16 21.08
C ASN A 429 1.19 -9.13 21.94
N ASP A 430 -0.09 -9.31 21.62
CA ASP A 430 -1.00 -10.06 22.50
C ASP A 430 -1.30 -11.42 21.88
N PHE A 431 -0.43 -12.38 22.15
CA PHE A 431 -0.57 -13.72 21.60
C PHE A 431 -1.41 -14.60 22.52
N THR A 432 -2.16 -15.50 21.89
CA THR A 432 -2.84 -16.58 22.59
C THR A 432 -2.65 -17.87 21.81
N ARG A 433 -2.56 -18.99 22.52
CA ARG A 433 -2.46 -20.27 21.83
C ARG A 433 -3.83 -20.65 21.25
N VAL A 434 -3.87 -20.92 19.96
CA VAL A 434 -5.10 -21.21 19.25
C VAL A 434 -5.09 -22.57 18.58
N TYR A 435 -3.98 -23.29 18.63
CA TYR A 435 -3.92 -24.66 18.14
C TYR A 435 -2.81 -25.39 18.86
N TYR A 436 -3.08 -26.62 19.28
CA TYR A 436 -2.04 -27.49 19.81
C TYR A 436 -2.48 -28.92 19.56
N ALA A 437 -1.68 -29.66 18.78
CA ALA A 437 -2.03 -31.03 18.46
C ALA A 437 -2.14 -31.83 19.75
N PRO A 438 -3.05 -32.80 19.81
CA PRO A 438 -3.36 -33.47 21.08
C PRO A 438 -2.35 -34.53 21.47
N VAL A 439 -2.40 -34.89 22.74
CA VAL A 439 -1.58 -35.94 23.27
C VAL A 439 -1.93 -37.19 22.45
N GLY A 440 -0.95 -38.03 22.16
CA GLY A 440 -1.14 -39.22 21.35
C GLY A 440 -0.93 -39.01 19.87
N SER A 441 -0.79 -37.77 19.41
CA SER A 441 -0.42 -37.51 18.02
C SER A 441 1.09 -37.67 17.85
N GLN A 442 1.54 -37.55 16.60
CA GLN A 442 2.94 -37.82 16.30
C GLN A 442 3.85 -36.73 16.86
N SER A 443 5.12 -37.07 16.99
CA SER A 443 6.14 -36.14 17.45
C SER A 443 7.07 -35.80 16.29
N PHE A 444 7.37 -34.52 16.12
CA PHE A 444 8.22 -34.06 15.05
C PHE A 444 9.44 -33.35 15.60
N GLN A 445 10.52 -33.42 14.84
CA GLN A 445 11.85 -32.94 15.19
C GLN A 445 12.16 -31.58 14.60
N LYS A 446 11.50 -31.24 13.50
CA LYS A 446 11.80 -30.05 12.71
C LYS A 446 10.63 -29.82 11.76
N GLY A 447 10.31 -28.57 11.49
CA GLY A 447 9.30 -28.28 10.48
C GLY A 447 9.60 -26.98 9.79
N ILE A 448 9.16 -26.89 8.53
CA ILE A 448 9.15 -25.59 7.85
C ILE A 448 7.72 -25.26 7.45
N VAL A 449 7.42 -23.96 7.50
CA VAL A 449 6.07 -23.42 7.38
C VAL A 449 5.91 -22.74 6.04
N HIS A 450 4.76 -22.98 5.38
CA HIS A 450 4.33 -22.21 4.22
C HIS A 450 2.87 -21.84 4.41
N ILE A 451 2.57 -20.54 4.42
CA ILE A 451 1.20 -20.05 4.53
C ILE A 451 0.68 -19.76 3.13
N HIS A 452 -0.50 -20.30 2.80
CA HIS A 452 -1.05 -20.08 1.47
C HIS A 452 -2.56 -20.15 1.54
N ASP A 453 -3.23 -19.07 1.11
CA ASP A 453 -4.70 -19.03 1.02
C ASP A 453 -5.37 -19.41 2.33
N GLY A 454 -4.91 -18.78 3.41
CA GLY A 454 -5.52 -19.01 4.71
C GLY A 454 -5.23 -20.34 5.35
N LYS A 455 -4.31 -21.13 4.81
CA LYS A 455 -3.96 -22.42 5.40
C LYS A 455 -2.46 -22.50 5.67
N LEU A 456 -2.13 -23.29 6.69
CA LEU A 456 -0.76 -23.57 7.10
C LEU A 456 -0.36 -24.92 6.52
N TYR A 457 0.68 -24.93 5.70
CA TYR A 457 1.28 -26.15 5.14
C TYR A 457 2.54 -26.40 5.93
N TYR A 458 2.51 -27.43 6.79
CA TYR A 458 3.62 -27.70 7.71
C TYR A 458 4.35 -28.93 7.21
N TYR A 459 5.60 -28.75 6.82
CA TYR A 459 6.42 -29.78 6.22
C TYR A 459 7.38 -30.24 7.31
N LEU A 460 7.22 -31.49 7.75
CA LEU A 460 7.70 -31.90 9.06
C LEU A 460 8.59 -33.13 8.99
N LEU A 461 9.65 -33.14 9.81
CA LEU A 461 10.50 -34.31 10.02
C LEU A 461 10.03 -35.05 11.28
N GLU A 462 9.70 -36.33 11.14
CA GLU A 462 9.21 -37.08 12.31
C GLU A 462 10.36 -37.38 13.26
N LYS A 463 10.09 -37.24 14.56
CA LYS A 463 11.08 -37.47 15.58
C LYS A 463 11.32 -38.95 15.80
N GLY A 464 12.49 -39.27 16.33
CA GLY A 464 12.79 -40.63 16.72
C GLY A 464 13.37 -41.50 15.64
N GLY A 465 13.61 -40.97 14.45
CA GLY A 465 14.21 -41.76 13.40
C GLY A 465 15.62 -42.22 13.76
N ALA A 466 16.11 -43.17 12.97
CA ALA A 466 17.46 -43.67 13.13
C ALA A 466 18.15 -43.70 11.77
N GLY A 467 19.47 -43.55 11.80
CA GLY A 467 20.24 -43.59 10.58
C GLY A 467 20.05 -42.37 9.69
N ASP A 468 20.43 -42.54 8.43
CA ASP A 468 20.48 -41.44 7.47
C ASP A 468 19.27 -41.41 6.54
N LYS A 469 18.19 -42.13 6.89
CA LYS A 469 16.93 -42.11 6.16
C LYS A 469 15.80 -41.93 7.17
N ARG A 470 15.04 -40.84 7.02
CA ARG A 470 14.02 -40.51 8.00
C ARG A 470 12.70 -40.24 7.29
N THR A 471 11.65 -40.05 8.08
CA THR A 471 10.30 -39.92 7.58
C THR A 471 9.82 -38.48 7.70
N THR A 472 9.27 -37.94 6.61
CA THR A 472 8.70 -36.61 6.62
C THR A 472 7.21 -36.66 6.31
N TYR A 473 6.50 -35.66 6.80
CA TYR A 473 5.06 -35.55 6.65
C TYR A 473 4.73 -34.14 6.18
N LEU A 474 3.56 -34.03 5.55
CA LEU A 474 2.93 -32.75 5.28
C LEU A 474 1.64 -32.66 6.08
N GLN A 475 1.47 -31.57 6.83
CA GLN A 475 0.20 -31.29 7.48
C GLN A 475 -0.43 -30.05 6.85
N ILE A 476 -1.74 -30.09 6.65
CA ILE A 476 -2.48 -28.96 6.11
C ILE A 476 -3.47 -28.54 7.20
N ILE A 477 -3.26 -27.34 7.73
CA ILE A 477 -3.99 -26.85 8.88
C ILE A 477 -4.72 -25.58 8.47
N ASN A 478 -6.04 -25.59 8.65
CA ASN A 478 -6.88 -24.45 8.29
C ASN A 478 -6.76 -23.38 9.36
N LEU A 479 -6.31 -22.18 8.97
CA LEU A 479 -6.17 -21.12 9.96
C LEU A 479 -7.50 -20.43 10.27
N ASP A 480 -8.60 -20.82 9.63
CA ASP A 480 -9.92 -20.31 9.96
C ASP A 480 -9.95 -18.78 9.86
N ILE A 481 -9.49 -18.26 8.73
CA ILE A 481 -9.41 -16.81 8.49
C ILE A 481 -10.80 -16.26 8.21
N ILE B 2 9.13 31.20 1.67
CA ILE B 2 8.19 30.09 1.80
C ILE B 2 8.96 28.82 2.07
N LYS B 3 8.58 28.09 3.12
CA LYS B 3 9.37 26.97 3.59
C LYS B 3 8.51 25.79 3.99
N LEU B 4 8.95 24.61 3.58
CA LEU B 4 8.36 23.38 4.06
C LEU B 4 8.69 23.17 5.52
N GLU B 5 7.67 23.13 6.37
CA GLU B 5 7.91 22.96 7.80
C GLU B 5 7.77 21.53 8.28
N HIS B 6 6.77 20.81 7.80
CA HIS B 6 6.51 19.45 8.28
C HIS B 6 6.08 18.58 7.13
N GLU B 7 6.54 17.33 7.17
CA GLU B 7 6.10 16.31 6.21
C GLU B 7 5.78 15.07 7.01
N ILE B 8 4.53 14.62 6.94
CA ILE B 8 4.01 13.57 7.82
C ILE B 8 3.35 12.50 6.95
N LYS B 9 3.75 11.24 7.16
CA LYS B 9 3.01 10.14 6.56
C LYS B 9 1.63 10.08 7.18
N VAL B 10 0.60 9.97 6.33
CA VAL B 10 -0.75 9.74 6.84
C VAL B 10 -1.05 8.25 6.90
N THR B 11 -0.83 7.55 5.79
CA THR B 11 -1.05 6.10 5.72
C THR B 11 -0.41 5.54 4.46
N ASP B 12 -0.06 4.25 4.49
CA ASP B 12 0.23 3.56 3.25
C ASP B 12 -0.92 2.63 2.86
N GLN B 13 -2.09 2.81 3.47
CA GLN B 13 -3.26 1.99 3.21
C GLN B 13 -4.40 2.76 2.53
N ALA B 14 -4.10 3.87 1.85
CA ALA B 14 -5.16 4.69 1.27
C ALA B 14 -5.75 4.01 0.05
N LEU B 15 -7.09 3.98 -0.02
CA LEU B 15 -7.75 3.29 -1.11
C LEU B 15 -7.50 3.95 -2.45
N PHE B 16 -7.26 3.11 -3.46
CA PHE B 16 -7.04 3.55 -4.84
C PHE B 16 -7.72 2.52 -5.76
N PHE B 17 -8.33 2.99 -6.83
CA PHE B 17 -9.07 2.11 -7.75
C PHE B 17 -8.09 1.64 -8.83
N ASP B 18 -7.50 0.46 -8.62
CA ASP B 18 -6.40 -0.03 -9.46
C ASP B 18 -6.86 -0.79 -10.69
N GLY B 19 -8.15 -0.82 -10.97
CA GLY B 19 -8.67 -1.52 -12.13
C GLY B 19 -8.81 -0.65 -13.37
N VAL B 20 -9.89 -0.86 -14.13
CA VAL B 20 -10.11 -0.16 -15.39
C VAL B 20 -11.37 0.67 -15.30
N LYS B 21 -11.48 1.65 -16.20
CA LYS B 21 -12.65 2.51 -16.25
C LYS B 21 -13.85 1.74 -16.80
N LYS B 22 -15.03 1.99 -16.23
CA LYS B 22 -16.26 1.35 -16.63
C LYS B 22 -17.30 2.38 -17.05
N SER B 23 -18.11 2.01 -18.03
CA SER B 23 -19.27 2.83 -18.37
C SER B 23 -20.33 2.68 -17.28
N VAL B 24 -21.24 3.65 -17.24
CA VAL B 24 -22.39 3.55 -16.32
C VAL B 24 -23.21 2.32 -16.63
N PRO B 25 -23.55 1.96 -17.86
CA PRO B 25 -24.24 0.67 -18.10
C PRO B 25 -23.42 -0.53 -17.63
N GLN B 26 -22.11 -0.54 -17.86
CA GLN B 26 -21.29 -1.65 -17.38
C GLN B 26 -21.32 -1.72 -15.85
N ALA B 27 -21.12 -0.58 -15.19
CA ALA B 27 -21.10 -0.54 -13.73
C ALA B 27 -22.40 -1.09 -13.14
N ARG B 28 -23.54 -0.73 -13.73
CA ARG B 28 -24.82 -1.20 -13.20
C ARG B 28 -25.02 -2.69 -13.45
N THR B 29 -24.67 -3.17 -14.64
CA THR B 29 -25.09 -4.52 -15.04
C THR B 29 -24.06 -5.60 -14.76
N GLN B 30 -22.78 -5.26 -14.67
CA GLN B 30 -21.77 -6.31 -14.55
C GLN B 30 -21.70 -6.84 -13.12
N ALA B 31 -21.64 -8.16 -13.00
CA ALA B 31 -21.57 -8.78 -11.69
C ALA B 31 -20.15 -8.71 -11.14
N TYR B 32 -20.06 -8.69 -9.82
CA TYR B 32 -18.77 -8.80 -9.14
C TYR B 32 -18.11 -10.12 -9.51
N ILE B 33 -16.80 -10.09 -9.68
CA ILE B 33 -15.99 -11.27 -9.93
C ILE B 33 -14.97 -11.36 -8.80
N GLU B 34 -14.98 -12.48 -8.06
CA GLU B 34 -14.06 -12.56 -6.94
C GLU B 34 -12.62 -12.49 -7.42
N GLY B 35 -11.79 -11.78 -6.67
CA GLY B 35 -10.42 -11.54 -7.05
C GLY B 35 -10.21 -10.42 -8.06
N GLN B 36 -11.27 -9.83 -8.60
CA GLN B 36 -11.11 -8.75 -9.56
C GLN B 36 -10.43 -7.55 -8.93
N LYS B 37 -9.83 -6.73 -9.78
CA LYS B 37 -9.27 -5.48 -9.30
C LYS B 37 -10.38 -4.44 -9.17
N TYR B 38 -10.01 -3.29 -8.63
CA TYR B 38 -10.99 -2.26 -8.30
C TYR B 38 -11.25 -1.34 -9.46
N ASN B 39 -12.28 -1.61 -10.20
CA ASN B 39 -12.60 -0.80 -11.37
C ASN B 39 -13.24 0.51 -10.92
N TYR B 40 -13.55 1.40 -11.86
CA TYR B 40 -14.03 2.71 -11.44
C TYR B 40 -14.83 3.35 -12.56
N ALA B 41 -15.77 4.21 -12.18
CA ALA B 41 -16.68 4.83 -13.14
C ALA B 41 -16.23 6.21 -13.59
N TYR B 42 -15.47 6.93 -12.77
CA TYR B 42 -15.07 8.29 -13.13
C TYR B 42 -13.56 8.42 -12.98
N GLY B 43 -13.10 8.93 -11.83
CA GLY B 43 -11.67 8.94 -11.56
C GLY B 43 -11.23 7.68 -10.80
N ASN B 44 -9.92 7.50 -10.73
CA ASN B 44 -9.38 6.33 -10.03
C ASN B 44 -8.81 6.65 -8.67
N ALA B 45 -8.81 7.92 -8.26
CA ALA B 45 -8.20 8.34 -7.00
C ALA B 45 -9.25 9.01 -6.12
N ILE B 46 -9.72 8.29 -5.09
CA ILE B 46 -10.69 8.85 -4.17
C ILE B 46 -10.05 9.45 -2.92
N ALA B 47 -8.72 9.33 -2.77
CA ALA B 47 -8.04 9.88 -1.60
C ALA B 47 -6.65 10.37 -1.99
N PRO B 48 -6.30 11.63 -1.65
CA PRO B 48 -7.16 12.63 -1.06
C PRO B 48 -8.05 13.26 -2.12
N HIS B 49 -9.33 13.48 -1.81
CA HIS B 49 -10.27 13.96 -2.81
C HIS B 49 -11.45 14.58 -2.09
N GLY B 50 -11.95 15.70 -2.62
CA GLY B 50 -13.08 16.38 -1.98
C GLY B 50 -12.63 17.29 -0.84
N ASP B 51 -13.61 17.64 0.00
CA ASP B 51 -13.39 18.55 1.12
C ASP B 51 -12.81 17.81 2.33
N ALA B 52 -11.62 17.25 2.12
CA ALA B 52 -11.11 16.18 2.94
C ALA B 52 -10.07 16.62 3.98
N ILE B 53 -9.79 17.92 4.11
CA ILE B 53 -8.81 18.37 5.11
C ILE B 53 -9.27 19.70 5.71
N LYS B 54 -9.21 19.79 7.04
CA LYS B 54 -9.45 21.04 7.73
C LYS B 54 -8.44 21.18 8.86
N VAL B 55 -8.23 22.42 9.30
CA VAL B 55 -7.33 22.71 10.41
C VAL B 55 -8.10 23.48 11.47
N TYR B 56 -8.03 23.03 12.71
CA TYR B 56 -8.62 23.73 13.84
C TYR B 56 -7.58 23.79 14.95
N LYS B 57 -7.23 25.01 15.36
CA LYS B 57 -6.11 25.23 16.27
C LYS B 57 -4.90 24.41 15.84
N ASN B 58 -4.42 23.52 16.72
CA ASN B 58 -3.22 22.73 16.45
C ASN B 58 -3.55 21.35 15.90
N TYR B 59 -4.74 21.17 15.35
CA TYR B 59 -5.16 19.87 14.83
C TYR B 59 -5.45 19.96 13.35
N VAL B 60 -4.95 18.99 12.58
CA VAL B 60 -5.27 18.84 11.16
C VAL B 60 -6.12 17.60 11.01
N PHE B 61 -7.32 17.76 10.46
CA PHE B 61 -8.26 16.66 10.27
C PHE B 61 -8.29 16.26 8.80
N THR B 63 -9.70 13.19 5.95
CA THR B 63 -10.52 12.02 5.69
C THR B 63 -9.92 11.17 4.57
N TRP B 64 -10.32 9.91 4.55
CA TRP B 64 -9.92 9.02 3.47
C TRP B 64 -10.68 7.72 3.61
N TYR B 65 -10.80 7.01 2.50
CA TYR B 65 -11.20 5.61 2.52
C TYR B 65 -9.96 4.74 2.60
N ARG B 66 -10.03 3.68 3.39
CA ARG B 66 -8.93 2.73 3.57
C ARG B 66 -9.08 1.57 2.60
N GLY B 67 -7.98 1.17 1.95
CA GLY B 67 -8.02 0.08 1.01
C GLY B 67 -7.68 -1.24 1.68
N GLY B 68 -7.71 -2.32 0.89
CA GLY B 68 -8.12 -2.29 -0.50
C GLY B 68 -9.61 -2.54 -0.73
N ILE B 69 -9.90 -3.24 -1.84
CA ILE B 69 -11.26 -3.38 -2.35
C ILE B 69 -12.19 -4.05 -1.34
N LEU B 70 -11.66 -4.92 -0.48
CA LEU B 70 -12.51 -5.58 0.50
C LEU B 70 -12.62 -4.83 1.82
N ASP B 71 -11.99 -3.65 1.91
CA ASP B 71 -11.99 -2.89 3.15
C ASP B 71 -12.88 -1.66 2.97
N ARG B 72 -12.36 -0.60 2.35
CA ARG B 72 -13.15 0.56 1.94
C ARG B 72 -13.73 1.37 3.10
N HIS B 73 -13.27 1.17 4.33
CA HIS B 73 -13.87 1.87 5.47
C HIS B 73 -13.57 3.38 5.46
N VAL B 74 -14.55 4.14 5.95
CA VAL B 74 -14.42 5.60 6.09
C VAL B 74 -13.50 5.91 7.28
N LEU B 76 -11.09 8.84 9.60
CA LEU B 76 -10.83 10.22 10.03
C LEU B 76 -9.54 10.26 10.83
N THR B 77 -8.56 10.99 10.34
CA THR B 77 -7.25 11.11 10.97
C THR B 77 -7.10 12.52 11.53
N ARG B 78 -6.62 12.63 12.75
CA ARG B 78 -6.33 13.93 13.35
C ARG B 78 -4.86 13.99 13.71
N TYR B 79 -4.15 14.96 13.14
CA TYR B 79 -2.73 15.17 13.38
C TYR B 79 -2.56 16.36 14.30
N ASN B 80 -1.76 16.18 15.37
CA ASN B 80 -1.50 17.22 16.36
C ASN B 80 -0.17 17.90 16.00
N THR B 81 -0.23 19.17 15.59
CA THR B 81 0.98 19.84 15.13
C THR B 81 1.93 20.17 16.27
N LEU B 82 1.45 20.13 17.51
CA LEU B 82 2.32 20.42 18.66
C LEU B 82 3.11 19.18 19.09
N THR B 83 2.50 18.01 19.02
CA THR B 83 3.17 16.78 19.43
C THR B 83 3.70 15.98 18.26
N GLY B 84 3.22 16.22 17.05
CA GLY B 84 3.58 15.40 15.90
C GLY B 84 2.88 14.06 15.83
N LYS B 85 1.94 13.79 16.73
CA LYS B 85 1.25 12.51 16.77
C LYS B 85 -0.08 12.57 16.03
N SER B 86 -0.48 11.42 15.47
CA SER B 86 -1.76 11.29 14.77
C SER B 86 -2.60 10.17 15.40
N VAL B 87 -3.92 10.33 15.31
CA VAL B 87 -4.84 9.32 15.78
C VAL B 87 -5.98 9.23 14.76
N THR B 88 -6.45 8.01 14.49
CA THR B 88 -7.41 7.78 13.42
C THR B 88 -8.60 7.00 13.94
N ILE B 89 -9.79 7.38 13.45
CA ILE B 89 -11.04 6.70 13.76
C ILE B 89 -11.48 5.93 12.52
N GLU B 90 -11.88 4.67 12.72
CA GLU B 90 -12.46 3.86 11.66
C GLU B 90 -13.97 3.88 11.81
N PHE B 91 -14.68 4.35 10.77
CA PHE B 91 -16.13 4.29 10.84
C PHE B 91 -16.64 3.00 10.20
N PRO B 92 -17.79 2.50 10.64
CA PRO B 92 -18.30 1.25 10.07
C PRO B 92 -18.61 1.34 8.59
N HIS B 93 -18.98 2.51 8.08
CA HIS B 93 -19.42 2.61 6.70
C HIS B 93 -18.27 2.31 5.74
N GLN B 94 -18.57 1.57 4.67
CA GLN B 94 -17.62 1.27 3.62
C GLN B 94 -18.11 1.87 2.31
N HIS B 95 -17.17 2.40 1.50
CA HIS B 95 -17.49 2.91 0.17
C HIS B 95 -18.43 1.96 -0.58
N THR B 96 -19.56 2.50 -1.01
CA THR B 96 -20.55 1.69 -1.72
C THR B 96 -20.38 1.73 -3.23
N GLY B 97 -19.34 2.41 -3.73
CA GLY B 97 -19.08 2.38 -5.17
C GLY B 97 -20.17 3.04 -5.98
N PHE B 98 -20.33 2.54 -7.21
CA PHE B 98 -21.32 3.10 -8.14
C PHE B 98 -22.68 2.50 -7.83
N GLU B 99 -23.57 3.30 -7.25
CA GLU B 99 -24.94 2.88 -6.97
C GLU B 99 -24.97 1.53 -6.27
N GLY B 100 -24.11 1.38 -5.26
CA GLY B 100 -24.06 0.18 -4.45
C GLY B 100 -23.12 -0.89 -4.96
N ARG B 101 -22.69 -0.81 -6.22
CA ARG B 101 -21.72 -1.77 -6.75
C ARG B 101 -20.34 -1.37 -6.22
N TRP B 102 -19.99 -1.89 -5.03
CA TRP B 102 -18.84 -1.38 -4.29
C TRP B 102 -17.50 -1.70 -4.97
N TRP B 103 -17.48 -2.61 -5.94
CA TRP B 103 -16.28 -2.93 -6.70
C TRP B 103 -16.09 -2.00 -7.89
N VAL B 104 -16.96 -1.01 -8.07
CA VAL B 104 -16.77 0.05 -9.07
C VAL B 104 -16.61 1.34 -8.29
N GLY B 105 -15.36 1.81 -8.14
CA GLY B 105 -15.12 2.98 -7.32
C GLY B 105 -15.74 4.24 -7.90
N GLU B 106 -16.16 5.13 -7.01
CA GLU B 106 -17.01 6.27 -7.37
C GLU B 106 -16.42 7.57 -6.78
N THR B 107 -15.63 8.30 -7.58
CA THR B 107 -14.92 9.46 -7.03
C THR B 107 -15.82 10.66 -6.76
N HIS B 108 -17.10 10.62 -7.14
CA HIS B 108 -18.01 11.64 -6.61
C HIS B 108 -18.14 11.53 -5.11
N ASN B 109 -17.97 10.32 -4.57
CA ASN B 109 -18.46 9.94 -3.24
C ASN B 109 -17.43 10.24 -2.15
N THR B 110 -17.03 11.50 -2.08
CA THR B 110 -15.96 11.90 -1.19
C THR B 110 -16.43 11.95 0.26
N ILE B 111 -15.47 12.10 1.17
CA ILE B 111 -15.73 12.28 2.59
C ILE B 111 -15.35 13.70 2.96
N ALA B 112 -16.34 14.52 3.28
CA ALA B 112 -16.10 15.90 3.68
C ALA B 112 -16.07 15.99 5.19
N VAL B 113 -15.20 16.86 5.71
CA VAL B 113 -15.04 17.05 7.15
C VAL B 113 -15.09 18.54 7.46
N ALA B 114 -15.67 18.87 8.62
CA ALA B 114 -15.62 20.22 9.15
C ALA B 114 -15.66 20.20 10.66
N ILE B 115 -15.02 21.20 11.26
CA ILE B 115 -15.07 21.48 12.68
C ILE B 115 -15.91 22.73 12.87
N SER B 116 -16.84 22.71 13.81
CA SER B 116 -17.45 23.96 14.25
C SER B 116 -16.57 24.61 15.30
N PRO B 117 -16.06 25.82 15.07
CA PRO B 117 -15.29 26.51 16.13
C PRO B 117 -16.13 26.87 17.34
N LYS B 118 -17.46 26.84 17.25
CA LYS B 118 -18.27 27.29 18.37
C LYS B 118 -18.40 26.22 19.45
N ASP B 119 -18.59 24.95 19.09
CA ASP B 119 -18.71 23.89 20.07
C ASP B 119 -17.75 22.73 19.83
N GLU B 120 -16.82 22.88 18.89
CA GLU B 120 -15.82 21.86 18.58
C GLU B 120 -16.44 20.53 18.14
N THR B 121 -17.67 20.55 17.63
CA THR B 121 -18.21 19.35 17.00
C THR B 121 -17.51 19.09 15.68
N ILE B 122 -17.39 17.81 15.35
CA ILE B 122 -16.90 17.32 14.07
C ILE B 122 -18.08 16.88 13.24
N HIS B 123 -18.04 17.18 11.94
CA HIS B 123 -19.14 16.89 11.01
C HIS B 123 -18.54 16.21 9.79
N LEU B 124 -19.18 15.13 9.35
CA LEU B 124 -18.72 14.34 8.22
C LEU B 124 -19.89 14.05 7.30
N LEU B 125 -19.68 14.23 6.00
CA LEU B 125 -20.66 13.83 4.98
C LEU B 125 -19.94 12.96 3.97
N TYR B 126 -20.53 11.82 3.61
CA TYR B 126 -19.74 10.92 2.79
C TYR B 126 -20.56 10.01 1.90
N ASP B 127 -19.94 9.63 0.79
CA ASP B 127 -20.35 8.51 -0.04
C ASP B 127 -21.72 8.78 -0.69
N HIS B 129 -23.75 10.27 -4.24
CA HIS B 129 -23.86 10.79 -5.61
C HIS B 129 -25.34 10.81 -5.97
N ALA B 130 -26.06 11.79 -5.43
CA ALA B 130 -27.44 12.08 -5.83
C ALA B 130 -28.38 10.91 -5.58
N TYR B 131 -28.14 10.17 -4.49
CA TYR B 131 -28.99 9.02 -4.20
C TYR B 131 -30.32 9.46 -3.62
N ARG B 132 -31.33 8.60 -3.81
CA ARG B 132 -32.68 8.85 -3.32
C ARG B 132 -33.23 7.54 -2.77
N GLU B 133 -34.41 7.60 -2.17
CA GLU B 133 -34.92 6.40 -1.51
C GLU B 133 -35.13 5.25 -2.48
N ASN B 134 -35.45 5.53 -3.74
CA ASN B 134 -35.66 4.48 -4.73
C ASN B 134 -34.47 4.29 -5.65
N THR B 135 -33.29 4.76 -5.26
CA THR B 135 -32.07 4.40 -5.96
C THR B 135 -31.93 2.89 -6.01
N ASP B 136 -31.64 2.36 -7.19
CA ASP B 136 -31.59 0.92 -7.40
C ASP B 136 -30.15 0.45 -7.25
N THR B 137 -29.86 -0.24 -6.14
CA THR B 137 -28.52 -0.76 -5.90
C THR B 137 -28.27 -2.12 -6.54
N GLY B 138 -29.26 -2.67 -7.26
CA GLY B 138 -29.07 -3.97 -7.89
C GLY B 138 -28.82 -5.10 -6.94
N GLY B 139 -29.44 -5.06 -5.77
CA GLY B 139 -29.24 -6.09 -4.76
C GLY B 139 -28.04 -5.86 -3.85
N ASN B 140 -27.47 -4.67 -3.86
CA ASN B 140 -26.28 -4.36 -3.06
C ASN B 140 -26.65 -3.33 -2.00
N GLY B 141 -27.36 -3.79 -0.98
CA GLY B 141 -27.69 -2.92 0.14
C GLY B 141 -29.04 -2.25 -0.02
N ASP B 142 -29.62 -1.91 1.13
CA ASP B 142 -30.90 -1.20 1.21
C ASP B 142 -30.62 0.27 1.48
N ILE B 143 -30.91 1.13 0.49
CA ILE B 143 -30.61 2.55 0.60
C ILE B 143 -31.84 3.40 0.89
N ARG B 144 -33.00 2.77 1.14
CA ARG B 144 -34.23 3.54 1.30
C ARG B 144 -34.13 4.53 2.47
N LYS B 145 -33.42 4.18 3.52
CA LYS B 145 -33.19 5.10 4.64
C LYS B 145 -31.71 5.42 4.80
N ASP B 146 -30.96 5.46 3.68
CA ASP B 146 -29.53 5.68 3.76
C ASP B 146 -29.01 6.43 2.52
N TYR B 147 -29.87 7.22 1.88
CA TYR B 147 -29.49 7.92 0.66
C TYR B 147 -28.74 9.21 0.94
N PHE B 148 -28.79 9.69 2.17
CA PHE B 148 -28.06 10.86 2.65
C PHE B 148 -27.30 10.41 3.89
N ARG B 149 -26.01 10.74 3.97
CA ARG B 149 -25.12 10.07 4.92
C ARG B 149 -24.30 11.09 5.71
N TYR B 150 -24.71 11.32 6.96
CA TYR B 150 -24.16 12.37 7.81
C TYR B 150 -23.76 11.77 9.15
N SER B 151 -22.54 12.07 9.62
CA SER B 151 -22.07 11.67 10.93
C SER B 151 -21.57 12.91 11.68
N TYR B 152 -21.82 12.96 12.98
CA TYR B 152 -21.36 14.11 13.75
C TYR B 152 -21.06 13.70 15.18
N SER B 153 -20.31 14.56 15.87
CA SER B 153 -19.69 14.25 17.15
C SER B 153 -20.35 14.98 18.30
N LEU B 154 -19.98 14.56 19.51
CA LEU B 154 -20.24 15.33 20.72
C LEU B 154 -19.51 16.68 20.67
N ALA B 155 -20.04 17.63 21.43
CA ALA B 155 -19.33 18.90 21.62
C ALA B 155 -17.98 18.64 22.27
N GLY B 156 -16.96 19.36 21.82
CA GLY B 156 -15.62 19.21 22.34
C GLY B 156 -14.82 18.08 21.73
N ALA B 157 -15.38 17.31 20.80
CA ALA B 157 -14.65 16.17 20.26
C ALA B 157 -13.40 16.60 19.50
N ALA B 158 -13.41 17.81 18.91
CA ALA B 158 -12.27 18.21 18.09
C ALA B 158 -10.98 18.28 18.90
N SER B 159 -11.06 18.55 20.21
CA SER B 159 -9.86 18.76 21.02
C SER B 159 -9.68 17.74 22.14
N VAL B 160 -10.40 16.61 22.12
CA VAL B 160 -10.16 15.59 23.15
C VAL B 160 -8.75 15.01 22.97
N THR B 161 -8.25 14.40 24.03
CA THR B 161 -6.92 13.77 23.96
C THR B 161 -6.94 12.65 22.91
N ASP B 162 -5.74 12.30 22.43
CA ASP B 162 -5.61 11.24 21.44
C ASP B 162 -6.30 9.96 21.89
N ASN B 163 -6.10 9.59 23.15
CA ASN B 163 -6.71 8.38 23.63
C ASN B 163 -8.23 8.39 23.61
N ASN B 164 -8.82 9.57 23.63
CA ASN B 164 -10.26 9.73 23.61
C ASN B 164 -10.80 10.02 22.22
N PHE B 165 -9.93 10.20 21.22
CA PHE B 165 -10.37 10.47 19.85
C PHE B 165 -10.77 9.16 19.21
N THR B 166 -12.00 8.75 19.48
CA THR B 166 -12.51 7.44 19.10
C THR B 166 -13.95 7.59 18.65
N LEU B 167 -14.50 6.48 18.17
CA LEU B 167 -15.87 6.45 17.70
C LEU B 167 -16.87 6.82 18.79
N THR B 168 -16.51 6.67 20.08
CA THR B 168 -17.46 7.05 21.12
C THR B 168 -17.61 8.56 21.25
N GLN B 169 -16.85 9.35 20.49
CA GLN B 169 -17.15 10.77 20.35
C GLN B 169 -18.28 11.03 19.37
N PHE B 170 -18.79 10.02 18.66
CA PHE B 170 -19.74 10.28 17.59
C PHE B 170 -21.14 9.79 17.94
N VAL B 171 -22.12 10.54 17.48
CA VAL B 171 -23.51 10.37 17.88
C VAL B 171 -24.18 9.35 16.97
N LYS B 172 -24.74 8.30 17.56
CA LYS B 172 -25.35 7.26 16.76
C LYS B 172 -26.71 7.73 16.23
N ASP B 173 -27.16 7.05 15.18
CA ASP B 173 -28.52 7.19 14.69
C ASP B 173 -29.43 6.48 15.69
N THR B 174 -30.25 7.26 16.40
CA THR B 174 -31.28 6.71 17.28
C THR B 174 -32.68 7.03 16.78
N SER B 175 -32.82 7.29 15.48
CA SER B 175 -34.10 7.58 14.89
C SER B 175 -34.90 6.30 14.68
N VAL B 176 -36.13 6.49 14.22
CA VAL B 176 -37.00 5.37 13.91
C VAL B 176 -36.41 4.51 12.79
N ASN B 177 -35.57 5.13 11.97
CA ASN B 177 -34.92 4.42 10.87
C ASN B 177 -33.57 3.82 11.26
N SER B 178 -33.19 3.87 12.53
CA SER B 178 -31.86 3.41 12.94
C SER B 178 -31.63 1.95 12.58
N GLU B 179 -30.41 1.65 12.13
CA GLU B 179 -30.04 0.26 11.86
C GLU B 179 -29.50 -0.44 13.10
N GLY B 180 -29.35 0.26 14.22
CA GLY B 180 -28.87 -0.41 15.43
C GLY B 180 -27.65 0.23 16.06
N ALA B 181 -26.85 -0.58 16.77
CA ALA B 181 -25.81 -0.05 17.63
C ALA B 181 -24.57 0.43 16.88
N THR B 182 -24.40 0.09 15.60
CA THR B 182 -23.24 0.55 14.85
C THR B 182 -23.62 1.52 13.73
N ASP B 183 -24.82 2.09 13.80
CA ASP B 183 -25.32 3.03 12.80
C ASP B 183 -24.94 4.45 13.23
N TYR B 184 -23.93 5.03 12.58
CA TYR B 184 -23.51 6.40 12.82
C TYR B 184 -23.96 7.34 11.71
N LYS B 185 -24.80 6.87 10.80
CA LYS B 185 -25.18 7.64 9.62
C LYS B 185 -26.58 8.22 9.83
N HIS B 186 -26.69 9.53 9.73
CA HIS B 186 -27.95 10.23 9.87
C HIS B 186 -28.50 10.62 8.51
N LEU B 187 -29.82 10.48 8.36
CA LEU B 187 -30.50 10.72 7.08
C LEU B 187 -30.88 12.18 6.88
N THR B 188 -30.58 13.03 7.86
CA THR B 188 -30.98 14.43 7.88
C THR B 188 -29.99 15.19 8.74
N THR B 190 -31.23 18.23 10.06
CA THR B 190 -32.14 19.11 10.81
C THR B 190 -32.89 18.38 11.90
N GLY B 191 -32.62 17.10 12.12
CA GLY B 191 -33.44 16.32 13.02
C GLY B 191 -34.80 15.92 12.47
N ILE B 192 -35.14 16.34 11.25
CA ILE B 192 -36.41 15.97 10.61
C ILE B 192 -36.10 15.21 9.34
N GLU B 193 -36.65 13.99 9.23
CA GLU B 193 -36.56 13.23 7.98
C GLU B 193 -37.27 13.99 6.88
N ASP B 194 -36.60 14.15 5.73
CA ASP B 194 -37.14 15.02 4.69
C ASP B 194 -36.53 14.60 3.34
N HIS B 195 -37.22 13.69 2.65
CA HIS B 195 -36.68 13.15 1.40
C HIS B 195 -36.51 14.24 0.34
N GLY B 196 -37.44 15.18 0.26
CA GLY B 196 -37.31 16.23 -0.73
C GLY B 196 -36.08 17.09 -0.49
N GLN B 197 -35.73 17.30 0.77
CA GLN B 197 -34.59 18.15 1.11
C GLN B 197 -33.26 17.42 0.96
N PHE B 198 -33.22 16.12 1.25
CA PHE B 198 -31.93 15.43 1.40
C PHE B 198 -31.66 14.39 0.34
N SER B 199 -32.53 14.25 -0.66
CA SER B 199 -32.26 13.33 -1.76
C SER B 199 -31.60 14.07 -2.93
N ARG B 200 -30.98 13.30 -3.82
CA ARG B 200 -30.39 13.82 -5.06
C ARG B 200 -29.27 14.83 -4.78
N LEU B 201 -28.51 14.61 -3.70
CA LEU B 201 -27.45 15.53 -3.29
C LEU B 201 -26.07 14.96 -3.59
N THR B 202 -25.16 15.83 -4.02
CA THR B 202 -23.78 15.48 -4.35
C THR B 202 -22.87 16.63 -3.93
N TYR B 203 -21.59 16.31 -3.71
CA TYR B 203 -20.48 17.26 -3.51
C TYR B 203 -20.59 18.05 -2.21
N PRO B 204 -20.45 17.41 -1.05
CA PRO B 204 -20.50 18.16 0.22
C PRO B 204 -19.25 19.01 0.38
N THR B 205 -19.43 20.31 0.59
CA THR B 205 -18.32 21.22 0.84
C THR B 205 -18.72 22.19 1.95
N PHE B 206 -17.97 22.17 3.04
CA PHE B 206 -18.18 23.03 4.19
C PHE B 206 -17.37 24.31 4.05
N PHE B 207 -17.84 25.39 4.65
CA PHE B 207 -17.04 26.59 4.78
C PHE B 207 -17.41 27.30 6.07
N THR B 208 -16.49 28.12 6.56
CA THR B 208 -16.66 28.82 7.83
C THR B 208 -16.50 30.31 7.63
N SER B 209 -17.19 31.07 8.49
CA SER B 209 -17.04 32.51 8.50
C SER B 209 -15.94 32.92 9.47
N HIS B 210 -15.63 34.20 9.47
CA HIS B 210 -14.62 34.74 10.35
C HIS B 210 -15.05 34.59 11.81
N ASP B 211 -16.32 34.73 12.07
CA ASP B 211 -16.89 34.61 13.41
C ASP B 211 -17.09 33.17 13.86
N GLY B 212 -16.66 32.20 13.06
CA GLY B 212 -16.77 30.81 13.44
C GLY B 212 -18.10 30.14 13.15
N ASP B 213 -18.96 30.76 12.34
CA ASP B 213 -20.14 30.05 11.88
C ASP B 213 -19.73 29.01 10.84
N LEU B 214 -20.47 27.92 10.79
CA LEU B 214 -20.13 26.81 9.91
C LEU B 214 -21.30 26.57 8.97
N PHE B 215 -21.00 26.53 7.67
CA PHE B 215 -21.99 26.35 6.62
C PHE B 215 -21.65 25.13 5.78
N LEU B 216 -22.64 24.61 5.07
CA LEU B 216 -22.42 23.54 4.12
C LEU B 216 -23.19 23.86 2.84
N HIS B 217 -22.59 23.56 1.68
CA HIS B 217 -23.36 23.60 0.45
C HIS B 217 -23.15 22.32 -0.33
N ARG B 219 -24.80 20.22 -4.21
CA ARG B 219 -25.59 20.35 -5.43
C ARG B 219 -26.73 19.35 -5.40
N GLN B 220 -27.93 19.82 -5.72
CA GLN B 220 -29.11 18.97 -5.75
C GLN B 220 -29.61 18.85 -7.18
N GLY B 221 -30.00 17.63 -7.56
CA GLY B 221 -30.58 17.41 -8.87
C GLY B 221 -29.64 16.71 -9.83
N SER B 222 -29.66 17.14 -11.09
CA SER B 222 -28.94 16.45 -12.16
C SER B 222 -28.26 17.48 -13.03
N SER B 223 -27.52 16.99 -14.03
CA SER B 223 -26.90 17.88 -14.99
C SER B 223 -27.91 18.56 -15.90
N HIS B 224 -29.16 18.10 -15.90
CA HIS B 224 -30.18 18.76 -16.70
C HIS B 224 -31.02 19.72 -15.87
N ASP B 225 -31.02 19.59 -14.55
CA ASP B 225 -31.88 20.41 -13.70
C ASP B 225 -31.24 20.37 -12.32
N GLY B 226 -30.44 21.39 -12.01
CA GLY B 226 -29.61 21.31 -10.83
C GLY B 226 -29.46 22.61 -10.09
N ARG B 227 -29.37 22.55 -8.76
CA ARG B 227 -29.21 23.76 -7.96
C ARG B 227 -28.15 23.53 -6.90
N VAL B 228 -27.64 24.64 -6.38
CA VAL B 228 -26.81 24.62 -5.19
C VAL B 228 -27.71 24.99 -4.01
N VAL B 229 -27.66 24.18 -2.96
CA VAL B 229 -28.35 24.45 -1.71
C VAL B 229 -27.32 24.61 -0.59
N PHE B 230 -27.64 25.43 0.40
CA PHE B 230 -26.71 25.63 1.50
C PHE B 230 -27.46 25.83 2.81
N ASN B 231 -26.81 25.49 3.92
CA ASN B 231 -27.40 25.61 5.24
C ASN B 231 -26.32 26.01 6.25
N LYS B 232 -26.73 26.14 7.51
CA LYS B 232 -25.86 26.69 8.54
C LYS B 232 -25.99 25.84 9.80
N TYR B 233 -24.87 25.62 10.49
CA TYR B 233 -24.90 24.83 11.71
C TYR B 233 -25.39 25.71 12.86
N LEU B 234 -26.42 25.23 13.57
CA LEU B 234 -27.03 25.95 14.69
C LEU B 234 -26.45 25.35 15.97
N ALA B 235 -25.29 25.88 16.38
CA ALA B 235 -24.51 25.23 17.44
C ALA B 235 -25.30 25.12 18.73
N GLU B 236 -26.10 26.14 19.05
CA GLU B 236 -26.87 26.10 20.29
C GLU B 236 -27.98 25.07 20.25
N GLN B 237 -28.39 24.61 19.07
CA GLN B 237 -29.45 23.62 18.95
C GLN B 237 -28.95 22.25 18.53
N GLY B 238 -27.65 22.09 18.30
CA GLY B 238 -27.12 20.80 17.89
C GLY B 238 -27.68 20.27 16.60
N LYS B 239 -28.06 21.14 15.67
CA LYS B 239 -28.60 20.74 14.39
C LYS B 239 -28.31 21.83 13.37
N TRP B 240 -28.75 21.60 12.14
CA TRP B 240 -28.53 22.52 11.05
C TRP B 240 -29.86 23.15 10.61
N SER B 241 -29.76 24.33 10.01
CA SER B 241 -30.92 24.97 9.43
C SER B 241 -31.38 24.23 8.17
N HIS B 242 -32.59 24.55 7.74
CA HIS B 242 -33.12 24.04 6.47
C HIS B 242 -32.24 24.51 5.32
N PHE B 243 -31.99 23.62 4.36
CA PHE B 243 -31.27 24.02 3.16
C PHE B 243 -31.99 25.17 2.47
N LYS B 244 -31.21 26.14 2.02
CA LYS B 244 -31.71 27.25 1.22
C LYS B 244 -31.20 27.10 -0.21
N SER B 245 -32.06 27.42 -1.18
CA SER B 245 -31.68 27.34 -2.58
C SER B 245 -30.96 28.60 -3.02
N PHE B 246 -29.78 28.45 -3.60
CA PHE B 246 -29.18 29.60 -4.27
C PHE B 246 -29.90 29.87 -5.59
N ASN B 247 -30.10 28.81 -6.38
CA ASN B 247 -30.92 28.89 -7.58
C ASN B 247 -32.03 27.84 -7.51
N VAL B 248 -33.04 28.00 -8.35
CA VAL B 248 -34.19 27.11 -8.32
C VAL B 248 -33.88 25.81 -9.06
N LEU B 249 -34.73 24.81 -8.83
CA LEU B 249 -34.95 23.70 -9.74
C LEU B 249 -36.16 24.00 -10.61
N GLY B 250 -36.21 23.36 -11.78
CA GLY B 250 -37.30 23.62 -12.70
C GLY B 250 -37.36 25.04 -13.22
N ALA B 251 -36.20 25.63 -13.52
CA ALA B 251 -36.16 27.02 -13.99
C ALA B 251 -36.94 27.23 -15.29
N GLY B 252 -37.12 26.17 -16.09
CA GLY B 252 -37.82 26.32 -17.36
C GLY B 252 -39.29 26.64 -17.23
N LYS B 253 -39.87 26.47 -16.04
CA LYS B 253 -41.24 26.86 -15.79
C LYS B 253 -41.36 27.96 -14.74
N LYS B 254 -40.25 28.55 -14.33
CA LYS B 254 -40.25 29.67 -13.40
C LYS B 254 -39.72 30.96 -14.01
N GLY B 255 -39.52 30.99 -15.33
CA GLY B 255 -39.11 32.22 -15.98
C GLY B 255 -37.98 32.08 -16.97
N GLU B 256 -37.21 31.00 -16.90
CA GLU B 256 -36.11 30.78 -17.83
C GLU B 256 -36.61 30.00 -19.04
N ILE B 257 -35.84 30.05 -20.14
CA ILE B 257 -36.27 29.38 -21.36
C ILE B 257 -36.16 27.87 -21.25
N LYS B 258 -35.38 27.37 -20.30
CA LYS B 258 -35.14 25.94 -20.14
C LYS B 258 -34.56 25.71 -18.76
N ASN B 259 -34.71 24.47 -18.26
CA ASN B 259 -34.00 24.10 -17.04
C ASN B 259 -32.50 24.23 -17.25
N TRP B 260 -31.77 24.42 -16.15
CA TRP B 260 -30.32 24.44 -16.25
C TRP B 260 -29.74 23.84 -14.98
N SER B 261 -28.44 23.56 -15.04
CA SER B 261 -27.72 23.04 -13.88
C SER B 261 -26.50 23.91 -13.64
N ILE B 262 -25.90 23.77 -12.45
CA ILE B 262 -24.96 24.75 -11.93
C ILE B 262 -23.65 24.06 -11.55
N TYR B 263 -22.54 24.60 -12.05
CA TYR B 263 -21.20 24.00 -11.92
C TYR B 263 -20.29 25.03 -11.29
N GLY B 264 -20.08 24.92 -9.98
CA GLY B 264 -19.28 25.91 -9.28
C GLY B 264 -19.22 25.62 -7.81
N LYS B 265 -18.79 26.62 -7.05
CA LYS B 265 -18.53 26.43 -5.63
C LYS B 265 -18.85 27.70 -4.86
N LYS B 267 -18.05 29.86 -1.43
CA LYS B 267 -16.93 30.04 -0.50
C LYS B 267 -17.22 31.22 0.40
N TYR B 268 -16.58 31.22 1.56
CA TYR B 268 -16.49 32.42 2.39
C TYR B 268 -15.21 33.14 1.99
N ALA B 269 -15.35 34.34 1.40
CA ALA B 269 -14.22 35.10 0.91
C ALA B 269 -14.41 36.56 1.26
N ASP B 270 -13.35 37.19 1.78
CA ASP B 270 -13.37 38.61 2.15
C ASP B 270 -14.63 38.96 2.95
N GLY B 271 -14.88 38.16 3.99
CA GLY B 271 -15.95 38.46 4.93
C GLY B 271 -17.36 38.21 4.47
N LYS B 272 -17.56 37.54 3.33
CA LYS B 272 -18.91 37.34 2.81
C LYS B 272 -19.05 35.94 2.23
N ILE B 273 -20.28 35.41 2.29
CA ILE B 273 -20.66 34.22 1.54
C ILE B 273 -20.85 34.59 0.08
N ARG B 274 -20.17 33.87 -0.82
CA ARG B 274 -20.23 34.17 -2.25
C ARG B 274 -20.25 32.86 -3.02
N ILE B 275 -20.58 32.97 -4.32
CA ILE B 275 -20.61 31.82 -5.21
C ILE B 275 -20.08 32.25 -6.58
N GLY B 276 -19.35 31.36 -7.22
CA GLY B 276 -19.00 31.52 -8.62
C GLY B 276 -19.29 30.22 -9.34
N PHE B 277 -19.77 30.33 -10.58
CA PHE B 277 -20.19 29.11 -11.27
C PHE B 277 -20.26 29.32 -12.78
N GLN B 278 -20.39 28.20 -13.48
CA GLN B 278 -20.76 28.15 -14.88
C GLN B 278 -22.06 27.37 -15.01
N ARG B 279 -22.75 27.59 -16.12
CA ARG B 279 -24.09 27.05 -16.33
C ARG B 279 -24.04 25.97 -17.39
N ARG B 280 -24.83 24.92 -17.20
CA ARG B 280 -25.06 23.94 -18.25
C ARG B 280 -26.53 24.05 -18.65
N PHE B 281 -26.79 24.49 -19.85
CA PHE B 281 -28.14 24.65 -20.37
C PHE B 281 -28.65 23.43 -21.15
N ASN B 282 -27.77 22.61 -21.68
CA ASN B 282 -28.18 21.46 -22.48
C ASN B 282 -29.03 21.88 -23.67
N LEU B 283 -28.79 23.07 -24.19
CA LEU B 283 -29.40 23.46 -25.46
C LEU B 283 -28.55 22.91 -26.61
N PRO B 284 -29.17 22.51 -27.71
CA PRO B 284 -28.37 22.16 -28.90
C PRO B 284 -27.74 23.42 -29.47
N ASP B 285 -26.48 23.65 -29.14
CA ASP B 285 -25.86 24.93 -29.45
C ASP B 285 -24.35 24.74 -29.53
N ARG B 286 -23.62 25.86 -29.58
CA ARG B 286 -22.17 25.83 -29.66
C ARG B 286 -21.50 25.33 -28.38
N PHE B 287 -22.24 25.18 -27.29
CA PHE B 287 -21.66 24.82 -26.01
C PHE B 287 -21.86 23.32 -25.76
N ARG B 288 -20.77 22.57 -25.89
CA ARG B 288 -20.82 21.13 -25.63
C ARG B 288 -21.29 20.83 -24.22
N ALA B 289 -20.89 21.66 -23.26
CA ALA B 289 -21.29 21.46 -21.86
C ALA B 289 -21.64 22.80 -21.22
N GLN B 290 -20.76 23.33 -20.36
CA GLN B 290 -21.04 24.59 -19.70
C GLN B 290 -20.94 25.82 -20.60
N ASP B 291 -21.53 26.90 -20.14
CA ASP B 291 -21.43 28.20 -20.78
C ASP B 291 -21.39 29.27 -19.69
N GLY B 292 -20.81 30.42 -20.02
CA GLY B 292 -20.83 31.55 -19.12
C GLY B 292 -19.92 31.45 -17.91
N PHE B 294 -20.29 33.11 -13.89
CA PHE B 294 -21.24 33.82 -13.06
C PHE B 294 -20.72 33.95 -11.64
N TYR B 295 -21.16 34.99 -10.93
CA TYR B 295 -20.64 35.29 -9.61
C TYR B 295 -21.66 36.12 -8.85
N ALA B 296 -21.87 35.80 -7.58
CA ALA B 296 -22.71 36.62 -6.72
C ALA B 296 -22.21 36.52 -5.29
N TYR B 297 -22.52 37.53 -4.50
CA TYR B 297 -22.16 37.55 -3.08
C TYR B 297 -23.36 38.04 -2.27
N SER B 298 -23.35 37.71 -0.99
CA SER B 298 -24.38 38.15 -0.06
C SER B 298 -23.80 39.12 0.97
N ASP B 299 -24.50 40.23 1.20
CA ASP B 299 -24.12 41.14 2.28
C ASP B 299 -24.67 40.69 3.62
N ASP B 300 -25.40 39.57 3.64
CA ASP B 300 -26.01 39.01 4.84
C ASP B 300 -25.07 37.96 5.42
N PRO B 301 -24.64 38.08 6.68
CA PRO B 301 -23.74 37.07 7.25
C PRO B 301 -24.30 35.65 7.21
N SER B 302 -25.62 35.51 7.28
CA SER B 302 -26.26 34.20 7.15
C SER B 302 -26.45 33.77 5.71
N GLY B 303 -26.31 34.69 4.75
CA GLY B 303 -26.62 34.39 3.37
C GLY B 303 -28.10 34.32 3.04
N GLU B 304 -28.97 34.68 3.98
CA GLU B 304 -30.40 34.53 3.71
C GLU B 304 -30.92 35.61 2.78
N THR B 305 -30.31 36.79 2.79
CA THR B 305 -30.82 37.94 2.07
C THR B 305 -29.67 38.65 1.37
N GLN B 306 -30.01 39.66 0.59
CA GLN B 306 -29.04 40.67 0.13
C GLN B 306 -27.97 40.07 -0.77
N TRP B 307 -28.38 39.22 -1.70
CA TRP B 307 -27.47 38.72 -2.72
C TRP B 307 -27.32 39.74 -3.86
N LYS B 308 -26.07 39.92 -4.32
CA LYS B 308 -25.70 40.93 -5.30
C LYS B 308 -24.89 40.32 -6.44
N ASN B 309 -24.94 40.94 -7.62
CA ASN B 309 -24.00 40.58 -8.68
C ASN B 309 -22.70 41.35 -8.47
N TYR B 310 -21.75 41.22 -9.41
CA TYR B 310 -20.42 41.79 -9.18
C TYR B 310 -20.45 43.30 -9.16
N LYS B 311 -21.50 43.92 -9.71
CA LYS B 311 -21.64 45.36 -9.66
C LYS B 311 -22.38 45.83 -8.42
N GLY B 312 -22.73 44.93 -7.51
CA GLY B 312 -23.49 45.28 -6.34
C GLY B 312 -24.98 45.37 -6.54
N GLU B 313 -25.50 44.94 -7.70
CA GLU B 313 -26.92 45.02 -7.96
C GLU B 313 -27.63 43.80 -7.38
N ALA B 314 -28.78 44.03 -6.76
CA ALA B 314 -29.56 42.93 -6.21
C ALA B 314 -29.88 41.92 -7.30
N ILE B 315 -29.78 40.64 -6.97
CA ILE B 315 -30.24 39.60 -7.88
C ILE B 315 -31.44 38.90 -7.26
N THR B 316 -32.24 38.29 -8.15
CA THR B 316 -33.37 37.48 -7.73
C THR B 316 -32.90 36.30 -6.89
N PRO B 318 -34.62 32.86 -4.78
CA PRO B 318 -33.62 32.03 -5.46
C PRO B 318 -33.51 32.39 -6.94
N LEU B 319 -32.29 32.28 -7.49
CA LEU B 319 -32.03 32.76 -8.83
C LEU B 319 -32.64 31.84 -9.88
N VAL B 320 -33.29 32.43 -10.89
CA VAL B 320 -33.93 31.69 -11.98
C VAL B 320 -33.15 31.85 -13.27
N LYS B 321 -32.74 33.07 -13.59
CA LYS B 321 -32.00 33.35 -14.80
C LYS B 321 -30.55 33.65 -14.43
N ALA B 322 -29.66 32.76 -14.76
CA ALA B 322 -28.25 32.91 -14.37
C ALA B 322 -27.64 34.23 -14.85
N ASP B 323 -28.11 34.76 -15.98
CA ASP B 323 -27.48 35.94 -16.56
C ASP B 323 -27.51 37.16 -15.64
N GLU B 324 -28.41 37.17 -14.63
CA GLU B 324 -28.38 38.24 -13.64
C GLU B 324 -27.01 38.33 -12.98
N ALA B 325 -26.32 37.21 -12.85
CA ALA B 325 -25.04 37.11 -12.16
C ALA B 325 -23.89 36.96 -13.15
N LEU B 326 -24.10 37.32 -14.41
CA LEU B 326 -23.05 37.17 -15.41
C LEU B 326 -21.85 38.03 -15.03
N VAL B 327 -20.65 37.52 -15.31
CA VAL B 327 -19.46 38.33 -15.09
C VAL B 327 -18.55 38.25 -16.32
N ARG B 329 -18.13 36.09 -20.51
CA ARG B 329 -18.64 35.16 -21.51
C ARG B 329 -17.48 34.37 -22.12
N PRO B 330 -17.18 33.15 -21.63
CA PRO B 330 -16.04 32.39 -22.17
C PRO B 330 -16.12 32.07 -23.65
N GLY B 331 -17.31 31.87 -24.20
CA GLY B 331 -17.42 31.63 -25.63
C GLY B 331 -16.85 32.74 -26.49
N ASP B 332 -16.78 33.96 -25.96
CA ASP B 332 -16.16 35.06 -26.69
C ASP B 332 -14.67 34.83 -26.92
N LEU B 333 -14.03 33.97 -26.10
CA LEU B 333 -12.62 33.65 -26.30
C LEU B 333 -12.37 32.85 -27.56
N LEU B 334 -13.40 32.19 -28.09
CA LEU B 334 -13.33 31.41 -29.33
C LEU B 334 -14.41 31.95 -30.25
N PRO B 335 -14.23 33.15 -30.78
CA PRO B 335 -15.38 33.88 -31.37
C PRO B 335 -15.96 33.22 -32.61
N ASP B 336 -15.17 32.44 -33.35
CA ASP B 336 -15.67 31.78 -34.54
C ASP B 336 -16.02 30.32 -34.29
N ALA B 337 -15.94 29.86 -33.05
CA ALA B 337 -16.32 28.50 -32.69
C ALA B 337 -17.82 28.48 -32.42
N THR B 338 -18.59 28.41 -33.50
CA THR B 338 -20.04 28.48 -33.43
C THR B 338 -20.74 27.21 -33.91
N ALA B 339 -20.01 26.19 -34.36
CA ALA B 339 -20.67 24.94 -34.71
C ALA B 339 -21.13 24.22 -33.44
N LYS B 340 -22.04 23.26 -33.63
CA LYS B 340 -22.55 22.51 -32.49
C LYS B 340 -21.40 21.96 -31.66
N ASP B 341 -21.48 22.16 -30.36
CA ASP B 341 -20.55 21.63 -29.37
C ASP B 341 -19.11 22.15 -29.52
N GLN B 342 -18.88 23.19 -30.31
CA GLN B 342 -17.50 23.58 -30.61
C GLN B 342 -16.81 24.32 -29.46
N VAL B 343 -17.56 24.90 -28.53
CA VAL B 343 -16.99 25.43 -27.29
C VAL B 343 -17.22 24.38 -26.21
N SER B 344 -16.14 23.81 -25.68
CA SER B 344 -16.21 22.75 -24.69
C SER B 344 -15.65 23.25 -23.37
N ILE B 345 -16.53 23.52 -22.42
CA ILE B 345 -16.17 23.96 -21.08
C ILE B 345 -16.63 22.85 -20.14
N THR B 346 -15.68 22.09 -19.58
CA THR B 346 -16.03 20.93 -18.78
C THR B 346 -15.36 20.91 -17.41
N GLY B 347 -14.72 21.99 -17.01
CA GLY B 347 -13.99 22.03 -15.76
C GLY B 347 -12.96 23.14 -15.81
N GLY B 348 -12.11 23.17 -14.79
CA GLY B 348 -11.07 24.18 -14.74
C GLY B 348 -11.53 25.55 -14.30
N PHE B 349 -12.72 25.66 -13.74
CA PHE B 349 -13.25 26.92 -13.24
C PHE B 349 -12.97 27.08 -11.76
N ASP B 350 -12.54 28.28 -11.36
CA ASP B 350 -12.42 28.59 -9.95
C ASP B 350 -12.45 30.10 -9.81
N TRP B 351 -12.55 30.54 -8.56
CA TRP B 351 -12.63 31.97 -8.28
C TRP B 351 -12.18 32.22 -6.84
N THR B 352 -11.80 33.46 -6.55
CA THR B 352 -11.56 33.84 -5.17
C THR B 352 -11.74 35.34 -5.03
N VAL B 353 -11.87 35.80 -3.78
CA VAL B 353 -11.81 37.21 -3.44
C VAL B 353 -10.79 37.38 -2.33
N THR B 354 -9.84 38.29 -2.51
CA THR B 354 -8.81 38.53 -1.51
C THR B 354 -9.37 39.40 -0.38
N GLU B 355 -8.59 39.52 0.69
CA GLU B 355 -9.01 40.37 1.81
C GLU B 355 -9.06 41.84 1.42
N ASN B 356 -8.51 42.21 0.27
CA ASN B 356 -8.63 43.56 -0.25
C ASN B 356 -9.77 43.71 -1.24
N GLY B 357 -10.62 42.69 -1.39
CA GLY B 357 -11.74 42.74 -2.29
C GLY B 357 -11.42 42.45 -3.74
N ASP B 358 -10.17 42.12 -4.07
CA ASP B 358 -9.84 41.77 -5.45
C ASP B 358 -10.58 40.51 -5.86
N LEU B 359 -11.34 40.60 -6.94
CA LEU B 359 -12.11 39.48 -7.47
C LEU B 359 -11.34 38.81 -8.60
N HIS B 360 -11.18 37.48 -8.52
CA HIS B 360 -10.45 36.72 -9.51
C HIS B 360 -11.24 35.49 -9.93
N LEU B 361 -11.30 35.24 -11.24
CA LEU B 361 -11.94 34.04 -11.77
C LEU B 361 -11.09 33.46 -12.89
N ILE B 362 -10.95 32.13 -12.90
CA ILE B 362 -10.21 31.47 -13.96
C ILE B 362 -11.09 30.40 -14.59
N GLY B 363 -10.74 30.05 -15.83
CA GLY B 363 -11.49 29.05 -16.56
C GLY B 363 -10.63 28.41 -17.63
N GLN B 364 -11.08 27.25 -18.09
CA GLN B 364 -10.49 26.60 -19.26
C GLN B 364 -11.60 26.42 -20.27
N THR B 365 -11.39 26.97 -21.46
CA THR B 365 -12.37 26.95 -22.53
C THR B 365 -11.73 26.28 -23.73
N ASN B 366 -12.26 25.13 -24.13
CA ASN B 366 -11.63 24.32 -25.15
C ASN B 366 -12.37 24.44 -26.48
N GLU B 367 -11.60 24.38 -27.58
CA GLU B 367 -12.21 24.23 -28.90
C GLU B 367 -12.31 22.75 -29.23
N TRP B 368 -13.50 22.33 -29.67
CA TRP B 368 -13.87 20.92 -29.77
C TRP B 368 -14.36 20.68 -31.19
N VAL B 369 -13.56 19.96 -31.97
CA VAL B 369 -13.82 19.77 -33.40
C VAL B 369 -13.51 18.32 -33.73
N ASN B 370 -14.46 17.66 -34.34
CA ASN B 370 -14.29 16.28 -34.69
C ASN B 370 -14.05 15.41 -33.49
N LYS B 371 -14.78 15.64 -32.43
CA LYS B 371 -14.73 14.86 -31.18
C LYS B 371 -13.40 15.00 -30.47
N LYS B 372 -12.70 16.08 -30.74
CA LYS B 372 -11.42 16.27 -30.15
C LYS B 372 -11.12 17.72 -29.70
N VAL B 373 -10.41 17.86 -28.60
CA VAL B 373 -9.93 19.17 -28.21
C VAL B 373 -8.77 19.54 -29.14
N ILE B 374 -8.91 20.64 -29.87
CA ILE B 374 -7.86 21.13 -30.76
C ILE B 374 -7.23 22.43 -30.27
N LYS B 375 -7.78 23.05 -29.23
CA LYS B 375 -7.23 24.30 -28.70
C LYS B 375 -7.74 24.45 -27.27
N LYS B 376 -6.84 24.84 -26.37
CA LYS B 376 -7.17 25.05 -24.97
C LYS B 376 -6.91 26.52 -24.63
N VAL B 377 -7.93 27.22 -24.15
CA VAL B 377 -7.79 28.62 -23.77
C VAL B 377 -7.95 28.73 -22.26
N TYR B 378 -6.92 29.17 -21.57
CA TYR B 378 -6.98 29.43 -20.14
C TYR B 378 -7.17 30.92 -19.95
N SER B 379 -8.16 31.29 -19.13
CA SER B 379 -8.49 32.70 -18.95
C SER B 379 -8.37 33.05 -17.48
N HIS B 380 -7.99 34.31 -17.25
CA HIS B 380 -7.96 34.90 -15.92
C HIS B 380 -8.68 36.24 -16.02
N THR B 381 -9.77 36.38 -15.25
CA THR B 381 -10.56 37.59 -15.19
C THR B 381 -10.42 38.16 -13.80
N TYR B 382 -10.02 39.43 -13.69
CA TYR B 382 -9.80 39.97 -12.36
C TYR B 382 -10.21 41.44 -12.28
N GLN B 383 -10.60 41.82 -11.06
CA GLN B 383 -11.10 43.16 -10.77
C GLN B 383 -10.44 43.63 -9.48
N LYS B 384 -9.48 44.55 -9.61
CA LYS B 384 -8.75 45.03 -8.45
C LYS B 384 -9.67 45.76 -7.48
N ALA B 385 -9.59 45.36 -6.21
CA ALA B 385 -10.36 45.94 -5.11
C ALA B 385 -11.87 45.83 -5.31
N GLY B 386 -12.33 44.97 -6.21
CA GLY B 386 -13.76 44.81 -6.40
C GLY B 386 -14.45 46.03 -6.97
N VAL B 387 -13.71 46.91 -7.64
CA VAL B 387 -14.31 48.09 -8.25
C VAL B 387 -13.79 48.23 -9.67
N GLY B 388 -14.62 48.82 -10.54
CA GLY B 388 -14.19 49.19 -11.86
C GLY B 388 -14.13 48.02 -12.84
N GLU B 389 -13.19 48.16 -13.77
CA GLU B 389 -13.10 47.31 -14.95
C GLU B 389 -12.74 45.87 -14.58
N LEU B 390 -13.35 44.92 -15.30
CA LEU B 390 -12.91 43.53 -15.30
C LEU B 390 -11.90 43.36 -16.42
N ILE B 391 -10.67 42.99 -16.07
CA ILE B 391 -9.64 42.65 -17.05
C ILE B 391 -9.67 41.15 -17.25
N THR B 392 -9.72 40.71 -18.51
CA THR B 392 -9.59 39.30 -18.85
C THR B 392 -8.35 39.14 -19.72
N THR B 393 -7.51 38.16 -19.38
CA THR B 393 -6.36 37.83 -20.19
C THR B 393 -6.34 36.33 -20.42
N THR B 394 -5.82 35.91 -21.58
CA THR B 394 -5.55 34.50 -21.82
C THR B 394 -4.08 34.16 -21.62
N ASP B 395 -3.28 35.13 -21.19
CA ASP B 395 -1.89 34.90 -20.82
C ASP B 395 -1.87 34.34 -19.40
N PHE B 396 -2.33 33.09 -19.28
CA PHE B 396 -2.52 32.47 -17.99
C PHE B 396 -2.09 31.00 -18.07
N PRO B 397 -1.30 30.52 -17.11
CA PRO B 397 -0.82 29.13 -17.16
C PRO B 397 -1.94 28.14 -16.99
N PRO B 398 -1.74 26.89 -17.45
CA PRO B 398 -2.77 25.86 -17.26
C PRO B 398 -2.99 25.49 -15.80
N ALA B 399 -3.63 26.38 -15.05
CA ALA B 399 -3.97 26.17 -13.65
C ALA B 399 -5.48 26.05 -13.50
N SER B 400 -5.92 25.22 -12.54
CA SER B 400 -7.33 24.91 -12.40
C SER B 400 -7.94 25.35 -11.08
N GLN B 401 -7.16 25.87 -10.15
CA GLN B 401 -7.68 26.41 -8.90
C GLN B 401 -6.88 27.64 -8.51
N LEU B 402 -7.52 28.51 -7.72
CA LEU B 402 -6.92 29.71 -7.18
C LEU B 402 -7.16 29.75 -5.67
N TYR B 403 -6.14 30.16 -4.92
CA TYR B 403 -6.23 30.29 -3.47
C TYR B 403 -5.81 31.71 -3.10
N THR B 404 -6.01 32.06 -1.83
CA THR B 404 -5.68 33.42 -1.41
C THR B 404 -5.30 33.42 0.06
N ALA B 405 -4.40 34.33 0.40
CA ALA B 405 -4.04 34.59 1.78
C ALA B 405 -3.38 35.96 1.81
N GLY B 406 -3.68 36.74 2.84
CA GLY B 406 -3.14 38.08 2.90
C GLY B 406 -3.54 38.87 1.68
N GLU B 407 -2.60 39.63 1.14
CA GLU B 407 -2.89 40.43 -0.05
C GLU B 407 -2.75 39.64 -1.35
N ASN B 408 -2.47 38.33 -1.29
CA ASN B 408 -2.02 37.56 -2.45
C ASN B 408 -3.08 36.56 -2.91
N ILE B 409 -2.96 36.17 -4.18
CA ILE B 409 -3.60 34.97 -4.70
C ILE B 409 -2.50 33.99 -5.04
N TYR B 410 -2.87 32.72 -5.14
CA TYR B 410 -1.91 31.65 -5.28
C TYR B 410 -2.39 30.62 -6.28
N ILE B 411 -1.46 30.15 -7.11
CA ILE B 411 -1.60 28.92 -7.87
C ILE B 411 -0.73 27.89 -7.19
N ILE B 412 -1.32 26.78 -6.77
CA ILE B 412 -0.61 25.74 -6.04
C ILE B 412 -0.85 24.42 -6.76
N GLY B 413 0.22 23.68 -7.01
CA GLY B 413 0.07 22.48 -7.80
C GLY B 413 1.31 21.62 -7.78
N LEU B 414 1.32 20.66 -8.70
CA LEU B 414 2.40 19.69 -8.84
C LEU B 414 2.97 19.80 -10.25
N GLU B 415 4.29 19.95 -10.34
CA GLU B 415 4.99 20.00 -11.61
C GLU B 415 6.10 18.96 -11.57
N GLN B 416 6.01 18.00 -12.45
CA GLN B 416 6.92 16.91 -12.45
C GLN B 416 6.88 16.23 -11.06
N GLY B 417 5.69 16.06 -10.52
CA GLY B 417 5.48 15.40 -9.24
C GLY B 417 5.81 16.24 -8.04
N ARG B 418 6.40 17.43 -8.20
CA ARG B 418 6.90 18.22 -7.09
C ARG B 418 6.00 19.41 -6.80
N PRO B 419 5.63 19.64 -5.54
CA PRO B 419 4.78 20.79 -5.21
C PRO B 419 5.45 22.12 -5.55
N PHE B 420 4.64 23.04 -6.07
CA PHE B 420 5.08 24.40 -6.33
C PHE B 420 4.00 25.36 -5.86
N VAL B 421 4.43 26.59 -5.55
CA VAL B 421 3.54 27.69 -5.23
C VAL B 421 3.89 28.86 -6.13
N GLU B 422 2.91 29.41 -6.83
CA GLU B 422 3.07 30.67 -7.54
C GLU B 422 2.19 31.72 -6.88
N GLN B 423 2.71 32.92 -6.77
CA GLN B 423 2.10 33.96 -5.96
C GLN B 423 2.01 35.23 -6.80
N ALA B 424 0.86 35.89 -6.71
CA ALA B 424 0.67 37.19 -7.36
C ALA B 424 -0.06 38.09 -6.37
N LYS B 425 0.21 39.40 -6.46
CA LYS B 425 -0.57 40.33 -5.66
C LYS B 425 -2.00 40.34 -6.17
N GLY B 426 -2.95 40.42 -5.23
CA GLY B 426 -4.34 40.47 -5.61
C GLY B 426 -4.61 41.65 -6.54
N GLY B 427 -5.56 41.48 -7.43
CA GLY B 427 -5.84 42.50 -8.42
C GLY B 427 -4.84 42.56 -9.56
N THR B 428 -4.00 41.55 -9.72
CA THR B 428 -3.01 41.50 -10.78
C THR B 428 -2.94 40.09 -11.37
N ASN B 429 -2.19 39.97 -12.47
CA ASN B 429 -1.89 38.70 -13.13
C ASN B 429 -0.39 38.42 -13.14
N ASP B 430 0.36 39.04 -12.23
CA ASP B 430 1.82 38.97 -12.24
C ASP B 430 2.28 37.93 -11.23
N PHE B 431 2.31 36.67 -11.67
CA PHE B 431 2.68 35.55 -10.83
C PHE B 431 4.18 35.30 -10.87
N THR B 432 4.75 34.99 -9.70
CA THR B 432 6.13 34.51 -9.63
C THR B 432 6.15 33.21 -8.84
N ARG B 433 6.97 32.26 -9.27
CA ARG B 433 7.12 31.03 -8.51
C ARG B 433 7.95 31.30 -7.26
N VAL B 434 7.34 31.05 -6.10
CA VAL B 434 7.94 31.36 -4.82
C VAL B 434 8.25 30.11 -4.02
N TYR B 435 7.88 28.94 -4.52
CA TYR B 435 8.20 27.68 -3.87
C TYR B 435 8.20 26.57 -4.90
N TYR B 436 9.19 25.69 -4.82
CA TYR B 436 9.26 24.52 -5.69
C TYR B 436 10.10 23.47 -4.97
N ALA B 437 9.51 22.32 -4.71
CA ALA B 437 10.22 21.26 -4.00
C ALA B 437 11.45 20.84 -4.81
N PRO B 438 12.55 20.51 -4.15
CA PRO B 438 13.80 20.23 -4.88
C PRO B 438 13.71 18.97 -5.72
N VAL B 439 14.58 18.87 -6.70
CA VAL B 439 14.66 17.73 -7.57
C VAL B 439 15.02 16.56 -6.67
N GLY B 440 14.53 15.38 -6.99
CA GLY B 440 14.78 14.17 -6.22
C GLY B 440 13.95 14.01 -4.97
N SER B 441 13.18 15.02 -4.58
CA SER B 441 12.17 14.83 -3.54
C SER B 441 11.07 13.90 -4.05
N GLN B 442 10.20 13.48 -3.13
CA GLN B 442 9.15 12.54 -3.47
C GLN B 442 8.19 13.13 -4.51
N SER B 443 7.86 12.34 -5.52
CA SER B 443 6.88 12.73 -6.51
C SER B 443 5.48 12.41 -6.03
N PHE B 444 4.54 13.30 -6.30
CA PHE B 444 3.14 13.15 -5.92
C PHE B 444 2.27 13.19 -7.15
N GLN B 445 1.16 12.47 -7.09
CA GLN B 445 0.23 12.31 -8.20
C GLN B 445 -0.97 13.22 -8.11
N LYS B 446 -1.35 13.63 -6.90
CA LYS B 446 -2.59 14.34 -6.67
C LYS B 446 -2.48 15.01 -5.31
N GLY B 447 -3.12 16.16 -5.16
CA GLY B 447 -3.11 16.83 -3.88
C GLY B 447 -4.33 17.70 -3.70
N ILE B 448 -4.71 17.89 -2.44
CA ILE B 448 -5.79 18.78 -2.05
C ILE B 448 -5.20 19.89 -1.19
N VAL B 449 -5.59 21.13 -1.46
CA VAL B 449 -5.01 22.30 -0.81
C VAL B 449 -5.97 22.84 0.24
N HIS B 450 -5.45 23.16 1.42
CA HIS B 450 -6.18 23.93 2.41
C HIS B 450 -5.26 24.99 2.98
N ILE B 451 -5.65 26.26 2.82
CA ILE B 451 -4.92 27.39 3.39
C ILE B 451 -5.57 27.74 4.72
N HIS B 452 -4.75 27.83 5.77
CA HIS B 452 -5.24 28.13 7.11
C HIS B 452 -4.20 28.96 7.86
N ASP B 453 -4.63 30.11 8.37
CA ASP B 453 -3.78 30.95 9.24
C ASP B 453 -2.37 31.12 8.66
N GLY B 454 -2.32 31.46 7.38
CA GLY B 454 -1.06 31.80 6.73
C GLY B 454 -0.18 30.63 6.35
N LYS B 455 -0.72 29.42 6.32
CA LYS B 455 0.07 28.25 5.96
C LYS B 455 -0.70 27.40 4.96
N LEU B 456 0.05 26.71 4.12
CA LEU B 456 -0.49 25.77 3.15
C LEU B 456 -0.44 24.37 3.74
N TYR B 457 -1.59 23.73 3.82
CA TYR B 457 -1.70 22.32 4.21
C TYR B 457 -2.00 21.55 2.95
N TYR B 458 -1.02 20.78 2.47
CA TYR B 458 -1.13 20.07 1.24
C TYR B 458 -1.25 18.57 1.53
N TYR B 459 -2.41 18.03 1.22
CA TYR B 459 -2.75 16.63 1.49
C TYR B 459 -2.53 15.87 0.18
N LEU B 460 -1.57 14.95 0.17
CA LEU B 460 -0.96 14.51 -1.09
C LEU B 460 -0.98 13.01 -1.25
N LEU B 461 -1.21 12.56 -2.46
CA LEU B 461 -1.09 11.15 -2.84
C LEU B 461 0.23 10.95 -3.57
N GLU B 462 1.06 10.05 -3.07
CA GLU B 462 2.34 9.75 -3.72
C GLU B 462 2.15 9.17 -5.12
N LYS B 463 3.05 9.56 -6.02
CA LYS B 463 3.09 8.96 -7.34
C LYS B 463 3.92 7.68 -7.28
N GLY B 464 3.60 6.76 -8.17
CA GLY B 464 4.14 5.43 -8.10
C GLY B 464 3.27 4.60 -7.17
N GLY B 465 3.86 3.56 -6.66
CA GLY B 465 3.07 2.60 -5.96
C GLY B 465 2.33 1.69 -6.92
N ALA B 466 1.46 0.87 -6.35
CA ALA B 466 0.74 -0.12 -7.13
C ALA B 466 -0.38 -0.65 -6.26
N GLY B 467 -1.28 -1.40 -6.88
CA GLY B 467 -2.37 -2.01 -6.16
C GLY B 467 -3.42 -1.00 -5.72
N ASP B 468 -4.33 -1.49 -4.88
CA ASP B 468 -5.45 -0.68 -4.40
C ASP B 468 -5.17 -0.03 -3.04
N LYS B 469 -3.92 0.03 -2.62
CA LYS B 469 -3.52 0.78 -1.44
C LYS B 469 -2.31 1.64 -1.78
N ARG B 470 -2.42 2.94 -1.48
CA ARG B 470 -1.37 3.90 -1.80
C ARG B 470 -0.97 4.68 -0.56
N THR B 471 0.08 5.47 -0.70
CA THR B 471 0.62 6.24 0.41
C THR B 471 0.26 7.71 0.25
N THR B 472 -0.29 8.29 1.32
CA THR B 472 -0.62 9.71 1.33
C THR B 472 0.20 10.43 2.41
N TYR B 473 0.37 11.72 2.21
CA TYR B 473 1.22 12.54 3.06
C TYR B 473 0.52 13.85 3.35
N LEU B 474 0.94 14.48 4.44
CA LEU B 474 0.57 15.86 4.73
C LEU B 474 1.84 16.69 4.72
N GLN B 475 1.80 17.80 3.98
CA GLN B 475 2.86 18.78 4.04
C GLN B 475 2.29 20.06 4.64
N ILE B 476 3.06 20.70 5.51
CA ILE B 476 2.72 22.00 6.08
C ILE B 476 3.79 22.97 5.61
N ILE B 477 3.37 23.97 4.82
CA ILE B 477 4.28 24.89 4.14
C ILE B 477 3.95 26.30 4.59
N ASN B 478 4.93 26.99 5.17
CA ASN B 478 4.68 28.32 5.70
C ASN B 478 4.69 29.32 4.55
N LEU B 479 3.62 30.08 4.42
CA LEU B 479 3.50 31.03 3.32
C LEU B 479 4.16 32.37 3.62
N ASP B 480 4.40 32.68 4.90
CA ASP B 480 5.13 33.88 5.32
C ASP B 480 4.52 35.17 4.77
#